data_5JWC
#
_entry.id   5JWC
#
_cell.length_a   192.603
_cell.length_b   192.603
_cell.length_c   92.025
_cell.angle_alpha   90.000
_cell.angle_beta   90.000
_cell.angle_gamma   90.000
#
_symmetry.space_group_name_H-M   'I 41'
#
loop_
_entity.id
_entity.type
_entity.pdbx_description
1 polymer 'NADH dehydrogenase, putative'
2 non-polymer 'FLAVIN-ADENINE DINUCLEOTIDE'
3 non-polymer 'MAGNESIUM ION'
4 non-polymer 'FRAGMENT OF TRITON X-100'
5 non-polymer 5-fluoro-3-methyl-2-{4-[4-(trifluoromethoxy)benzyl]phenyl}quinolin-4(1H)-one
6 water water
#
_entity_poly.entity_id   1
_entity_poly.type   'polypeptide(L)'
_entity_poly.pdbx_seq_one_letter_code
;MRGSHHHHHHGSNVAKNNLKNNKDIERKEKIIILGSGWGGFNFLLNIDFKKYDVTLISPRNYFTFTPLLPCLCSGTLSVN
VCTESIRNFLRKKNGYCGNYLQLECTDVFYEDKYINCIDIENNKVKLFYDYLIIAVGAKTNTFNINGVDKYAYFVKDIDD
ALKIRKKFLDILEKCTLPNISNEEKKKMLHVAVVGGGPTGVEVTAEFADFINKEVKINYKDIFNFISISIIEGGNNLLPT
FTQNISDFTKENFHNLNINVLTNYYVIDVDKHSFHIQSSLNKNEKKKLSYGLLIWASGLAQTTLIQKFLKTIPVQANNAI
LKVDEKLRVIGIPSNNIYAIGDCKKIQPKLLHEHTNEIIKILTGNKLTSEALKLKQSELTKTFPQLSISKWDYEKNKKGE
MTPQQFHDYLFEIDKNYKSPTPTAQNAKQEAYYLSNVFNNFIHTNQKFNIPSFIEKWKGSLAYIGNHQVVADLPYYELKG
GRFSSTFWKVVYIQLLLSWKSRFHFFIDFIKTKWYGRPFIK
;
_entity_poly.pdbx_strand_id   A,H
#
loop_
_chem_comp.id
_chem_comp.type
_chem_comp.name
_chem_comp.formula
4W0 non-polymer 5-fluoro-3-methyl-2-{4-[4-(trifluoromethoxy)benzyl]phenyl}quinolin-4(1H)-one 'C24 H17 F4 N O2'
FAD non-polymer 'FLAVIN-ADENINE DINUCLEOTIDE' 'C27 H33 N9 O15 P2'
MG non-polymer 'MAGNESIUM ION' 'Mg 2'
TRT non-polymer 'FRAGMENT OF TRITON X-100' 'C21 H36 O4'
#
# COMPACT_ATOMS: atom_id res chain seq x y z
N ARG A 27 30.85 -25.80 -10.06
CA ARG A 27 30.52 -26.93 -10.93
C ARG A 27 29.25 -27.64 -10.43
N LYS A 28 28.68 -27.12 -9.34
CA LYS A 28 27.45 -27.72 -8.81
C LYS A 28 26.33 -27.74 -9.83
N GLU A 29 25.46 -28.72 -9.75
CA GLU A 29 24.35 -28.80 -10.69
C GLU A 29 23.36 -27.66 -10.48
N LYS A 30 22.90 -27.12 -11.59
CA LYS A 30 22.04 -25.95 -11.59
C LYS A 30 20.55 -26.34 -11.63
N ILE A 31 19.80 -25.89 -10.64
CA ILE A 31 18.34 -26.00 -10.67
C ILE A 31 17.75 -24.61 -10.88
N ILE A 32 16.98 -24.45 -11.96
CA ILE A 32 16.20 -23.24 -12.14
C ILE A 32 14.75 -23.52 -11.74
N ILE A 33 14.22 -22.70 -10.85
CA ILE A 33 12.80 -22.75 -10.47
C ILE A 33 12.05 -21.64 -11.17
N LEU A 34 11.01 -21.98 -11.92
CA LEU A 34 10.20 -20.95 -12.54
C LEU A 34 8.96 -20.72 -11.69
N GLY A 35 8.82 -19.53 -11.14
CA GLY A 35 7.64 -19.18 -10.36
C GLY A 35 7.98 -18.98 -8.89
N SER A 36 7.40 -17.94 -8.32
CA SER A 36 7.60 -17.64 -6.90
C SER A 36 6.30 -17.85 -6.11
N GLY A 37 5.53 -18.88 -6.48
CA GLY A 37 4.25 -19.10 -5.87
C GLY A 37 4.27 -20.27 -4.91
N TRP A 38 3.12 -20.91 -4.70
CA TRP A 38 3.05 -21.99 -3.72
C TRP A 38 4.02 -23.12 -4.05
N GLY A 39 4.12 -23.48 -5.32
CA GLY A 39 5.07 -24.50 -5.69
C GLY A 39 6.51 -24.02 -5.64
N GLY A 40 6.79 -22.95 -6.39
CA GLY A 40 8.15 -22.46 -6.54
C GLY A 40 8.78 -22.06 -5.22
N PHE A 41 8.07 -21.25 -4.45
CA PHE A 41 8.57 -20.76 -3.16
C PHE A 41 8.76 -21.89 -2.15
N ASN A 42 7.80 -22.81 -2.04
CA ASN A 42 8.02 -23.88 -1.07
C ASN A 42 9.15 -24.82 -1.51
N PHE A 43 9.37 -24.95 -2.81
CA PHE A 43 10.52 -25.73 -3.26
C PHE A 43 11.81 -25.05 -2.77
N LEU A 44 11.87 -23.74 -2.97
CA LEU A 44 13.00 -22.93 -2.52
C LEU A 44 13.21 -23.06 -1.01
N LEU A 45 12.14 -23.05 -0.24
CA LEU A 45 12.27 -23.14 1.20
C LEU A 45 12.94 -24.43 1.64
N ASN A 46 12.84 -25.49 0.84
CA ASN A 46 13.32 -26.80 1.29
C ASN A 46 14.53 -27.39 0.54
N ILE A 47 14.86 -26.85 -0.63
CA ILE A 47 15.94 -27.39 -1.43
C ILE A 47 17.28 -27.07 -0.76
N ASP A 48 18.18 -28.05 -0.73
CA ASP A 48 19.49 -27.88 -0.08
C ASP A 48 20.42 -27.01 -0.94
N PHE A 49 20.68 -25.80 -0.47
CA PHE A 49 21.55 -24.87 -1.20
C PHE A 49 23.01 -25.33 -1.20
N LYS A 50 23.38 -26.20 -0.27
CA LYS A 50 24.73 -26.77 -0.29
C LYS A 50 24.90 -27.75 -1.45
N LYS A 51 23.86 -28.55 -1.70
CA LYS A 51 23.94 -29.60 -2.72
C LYS A 51 23.75 -29.07 -4.13
N TYR A 52 22.97 -28.00 -4.28
CA TYR A 52 22.67 -27.50 -5.60
C TYR A 52 22.89 -26.01 -5.71
N ASP A 53 23.05 -25.55 -6.95
CA ASP A 53 23.05 -24.12 -7.25
C ASP A 53 21.68 -23.74 -7.76
N VAL A 54 20.92 -23.06 -6.91
CA VAL A 54 19.50 -22.83 -7.16
C VAL A 54 19.21 -21.38 -7.53
N THR A 55 18.55 -21.20 -8.67
CA THR A 55 18.07 -19.87 -9.03
C THR A 55 16.56 -19.90 -9.23
N LEU A 56 15.85 -19.01 -8.54
CA LEU A 56 14.43 -18.86 -8.78
C LEU A 56 14.20 -17.69 -9.70
N ILE A 57 13.38 -17.94 -10.71
CA ILE A 57 13.08 -16.95 -11.71
C ILE A 57 11.57 -16.69 -11.75
N SER A 58 11.18 -15.45 -11.56
CA SER A 58 9.77 -15.07 -11.58
C SER A 58 9.66 -13.57 -11.77
N PRO A 59 8.61 -13.10 -12.48
CA PRO A 59 8.45 -11.65 -12.60
C PRO A 59 7.97 -11.01 -11.29
N ARG A 60 7.60 -11.86 -10.33
CA ARG A 60 7.08 -11.42 -9.04
C ARG A 60 8.12 -11.71 -7.97
N ASN A 61 8.65 -10.68 -7.32
CA ASN A 61 9.74 -10.93 -6.39
C ASN A 61 9.26 -11.16 -4.97
N TYR A 62 7.98 -11.50 -4.84
CA TYR A 62 7.43 -11.91 -3.55
C TYR A 62 6.54 -13.13 -3.75
N PHE A 63 6.33 -13.91 -2.69
CA PHE A 63 5.36 -15.00 -2.65
C PHE A 63 4.03 -14.44 -2.16
N THR A 64 2.92 -14.89 -2.73
CA THR A 64 1.60 -14.43 -2.30
C THR A 64 0.85 -15.54 -1.57
N PHE A 65 0.50 -15.26 -0.32
CA PHE A 65 -0.30 -16.20 0.48
C PHE A 65 -1.76 -16.10 0.02
N THR A 66 -2.08 -16.74 -1.10
CA THR A 66 -3.38 -16.57 -1.77
C THR A 66 -4.66 -16.81 -0.93
N PRO A 67 -4.64 -17.79 0.01
CA PRO A 67 -5.91 -17.97 0.72
C PRO A 67 -6.44 -16.74 1.49
N LEU A 68 -5.57 -15.77 1.77
CA LEU A 68 -5.97 -14.61 2.57
C LEU A 68 -6.31 -13.39 1.74
N LEU A 69 -6.25 -13.55 0.43
CA LEU A 69 -6.54 -12.45 -0.51
C LEU A 69 -7.96 -11.82 -0.32
N PRO A 70 -9.00 -12.63 -0.04
CA PRO A 70 -10.30 -11.99 0.22
C PRO A 70 -10.26 -11.03 1.40
N CYS A 71 -9.46 -11.34 2.42
CA CYS A 71 -9.32 -10.45 3.58
C CYS A 71 -8.72 -9.10 3.23
N LEU A 72 -7.93 -9.10 2.17
CA LEU A 72 -7.29 -7.89 1.68
C LEU A 72 -8.28 -6.98 0.97
N CYS A 73 -9.25 -7.57 0.26
CA CYS A 73 -10.29 -6.80 -0.41
C CYS A 73 -11.09 -5.89 0.53
N SER A 74 -11.29 -6.33 1.76
CA SER A 74 -12.12 -5.56 2.69
C SER A 74 -11.25 -4.77 3.65
N GLY A 75 -9.98 -5.13 3.70
CA GLY A 75 -9.03 -4.55 4.63
C GLY A 75 -8.98 -5.25 5.98
N THR A 76 -9.54 -6.46 6.08
CA THR A 76 -9.47 -7.22 7.33
C THR A 76 -8.01 -7.57 7.70
N LEU A 77 -7.20 -7.87 6.69
CA LEU A 77 -5.78 -8.12 6.90
C LEU A 77 -4.98 -7.25 5.95
N SER A 78 -3.70 -7.02 6.22
CA SER A 78 -2.87 -6.17 5.38
C SER A 78 -1.90 -6.97 4.49
N VAL A 79 -1.22 -6.25 3.59
CA VAL A 79 -0.32 -6.89 2.67
C VAL A 79 0.83 -7.60 3.38
N ASN A 80 1.26 -7.10 4.54
CA ASN A 80 2.36 -7.77 5.24
C ASN A 80 2.02 -9.19 5.72
N VAL A 81 0.72 -9.46 5.92
CA VAL A 81 0.28 -10.80 6.30
C VAL A 81 0.30 -11.72 5.09
N CYS A 82 0.07 -11.16 3.91
CA CYS A 82 -0.20 -11.95 2.71
C CYS A 82 0.98 -12.14 1.75
N THR A 83 2.15 -11.62 2.10
CA THR A 83 3.31 -11.74 1.21
C THR A 83 4.58 -12.17 1.94
N GLU A 84 5.51 -12.70 1.18
CA GLU A 84 6.89 -12.91 1.64
C GLU A 84 7.83 -12.46 0.53
N SER A 85 8.85 -11.68 0.87
CA SER A 85 9.86 -11.30 -0.11
C SER A 85 10.81 -12.48 -0.36
N ILE A 86 10.98 -12.85 -1.62
CA ILE A 86 11.83 -14.00 -1.95
C ILE A 86 13.25 -13.86 -1.40
N ARG A 87 13.84 -12.67 -1.54
CA ARG A 87 15.25 -12.52 -1.13
C ARG A 87 15.48 -12.75 0.35
N ASN A 88 14.45 -12.66 1.17
CA ASN A 88 14.59 -12.97 2.60
C ASN A 88 14.88 -14.42 2.90
N PHE A 89 14.70 -15.29 1.91
CA PHE A 89 14.83 -16.73 2.15
C PHE A 89 15.93 -17.34 1.30
N LEU A 90 16.85 -16.52 0.82
CA LEU A 90 17.91 -17.01 -0.07
C LEU A 90 19.17 -17.42 0.67
N ARG A 91 19.27 -17.05 1.95
CA ARG A 91 20.48 -17.31 2.72
C ARG A 91 20.18 -18.25 3.88
N LYS A 92 20.46 -19.54 3.70
CA LYS A 92 20.14 -20.49 4.74
C LYS A 92 21.26 -20.55 5.79
N LYS A 93 20.91 -21.13 6.94
CA LYS A 93 21.72 -21.11 8.15
C LYS A 93 23.11 -21.73 7.94
N ASN A 94 23.20 -22.63 6.97
CA ASN A 94 24.47 -23.31 6.65
C ASN A 94 25.56 -22.38 6.12
N GLY A 95 25.15 -21.25 5.56
CA GLY A 95 26.07 -20.34 4.91
C GLY A 95 26.00 -20.43 3.38
N TYR A 96 25.19 -21.36 2.89
CA TYR A 96 25.01 -21.52 1.46
C TYR A 96 23.74 -20.81 1.00
N CYS A 97 23.78 -20.29 -0.21
CA CYS A 97 22.75 -19.37 -0.69
C CYS A 97 22.12 -19.76 -2.01
N GLY A 98 20.91 -19.29 -2.22
CA GLY A 98 20.26 -19.39 -3.51
C GLY A 98 20.28 -18.02 -4.16
N ASN A 99 19.79 -17.97 -5.39
CA ASN A 99 19.72 -16.74 -6.16
C ASN A 99 18.30 -16.49 -6.66
N TYR A 100 18.00 -15.23 -6.95
CA TYR A 100 16.72 -14.89 -7.52
C TYR A 100 16.91 -13.86 -8.63
N LEU A 101 16.17 -14.00 -9.73
CA LEU A 101 16.23 -13.07 -10.83
C LEU A 101 14.81 -12.65 -11.22
N GLN A 102 14.58 -11.34 -11.34
CA GLN A 102 13.25 -10.89 -11.71
C GLN A 102 13.07 -10.91 -13.21
N LEU A 103 12.65 -12.06 -13.72
CA LEU A 103 12.51 -12.25 -15.15
C LEU A 103 11.24 -13.06 -15.39
N GLU A 104 10.67 -12.89 -16.58
CA GLU A 104 9.58 -13.72 -17.07
C GLU A 104 10.12 -14.72 -18.09
N CYS A 105 9.89 -16.02 -17.87
CA CYS A 105 10.31 -17.02 -18.85
C CYS A 105 9.36 -17.05 -20.06
N THR A 106 9.92 -17.08 -21.27
CA THR A 106 9.10 -17.01 -22.49
C THR A 106 9.20 -18.31 -23.29
N ASP A 107 10.33 -19.01 -23.17
CA ASP A 107 10.55 -20.24 -23.94
C ASP A 107 11.42 -21.21 -23.19
N VAL A 108 11.14 -22.49 -23.38
CA VAL A 108 12.02 -23.53 -22.88
C VAL A 108 12.59 -24.30 -24.08
N PHE A 109 13.88 -24.62 -24.04
CA PHE A 109 14.52 -25.39 -25.10
C PHE A 109 15.08 -26.65 -24.48
N TYR A 110 14.27 -27.69 -24.40
CA TYR A 110 14.63 -28.84 -23.58
C TYR A 110 15.80 -29.65 -24.15
N GLU A 111 16.01 -29.59 -25.46
CA GLU A 111 17.13 -30.36 -26.03
C GLU A 111 18.47 -29.74 -25.68
N ASP A 112 18.54 -28.42 -25.70
CA ASP A 112 19.79 -27.73 -25.36
C ASP A 112 19.89 -27.28 -23.91
N LYS A 113 18.87 -27.59 -23.10
CA LYS A 113 18.89 -27.36 -21.64
C LYS A 113 19.13 -25.90 -21.25
N TYR A 114 18.43 -24.99 -21.92
CA TYR A 114 18.39 -23.60 -21.50
C TYR A 114 16.99 -23.02 -21.69
N ILE A 115 16.78 -21.84 -21.10
CA ILE A 115 15.53 -21.12 -21.26
C ILE A 115 15.80 -19.70 -21.77
N ASN A 116 14.82 -19.13 -22.47
CA ASN A 116 14.81 -17.71 -22.75
C ASN A 116 13.86 -16.95 -21.84
N CYS A 117 14.34 -15.86 -21.26
CA CYS A 117 13.51 -14.99 -20.42
C CYS A 117 13.54 -13.55 -20.94
N ILE A 118 12.61 -12.73 -20.46
CA ILE A 118 12.70 -11.29 -20.67
C ILE A 118 12.61 -10.54 -19.34
N ASP A 119 13.22 -9.35 -19.28
CA ASP A 119 13.05 -8.48 -18.13
C ASP A 119 11.89 -7.54 -18.39
N ILE A 120 11.64 -6.63 -17.44
CA ILE A 120 10.48 -5.76 -17.50
C ILE A 120 10.58 -4.80 -18.69
N GLU A 121 11.78 -4.68 -19.27
CA GLU A 121 11.98 -3.83 -20.44
C GLU A 121 12.15 -4.62 -21.74
N ASN A 122 11.74 -5.89 -21.70
CA ASN A 122 11.75 -6.77 -22.86
C ASN A 122 13.13 -7.12 -23.36
N ASN A 123 14.14 -6.89 -22.54
CA ASN A 123 15.47 -7.40 -22.87
C ASN A 123 15.52 -8.91 -22.67
N LYS A 124 16.08 -9.60 -23.66
CA LYS A 124 16.17 -11.05 -23.62
C LYS A 124 17.33 -11.53 -22.77
N VAL A 125 17.07 -12.58 -22.01
CA VAL A 125 18.09 -13.20 -21.17
C VAL A 125 18.08 -14.71 -21.42
N LYS A 126 19.27 -15.28 -21.62
CA LYS A 126 19.38 -16.70 -21.89
C LYS A 126 20.06 -17.37 -20.71
N LEU A 127 19.47 -18.47 -20.23
CA LEU A 127 19.97 -19.11 -19.01
C LEU A 127 20.00 -20.62 -19.16
N PHE A 128 21.12 -21.23 -18.78
CA PHE A 128 21.28 -22.67 -18.86
C PHE A 128 20.91 -23.33 -17.54
N TYR A 129 20.48 -24.59 -17.60
CA TYR A 129 20.12 -25.33 -16.39
C TYR A 129 20.54 -26.79 -16.49
N ASP A 130 20.72 -27.43 -15.34
CA ASP A 130 20.81 -28.88 -15.26
C ASP A 130 19.43 -29.51 -14.97
N TYR A 131 18.66 -28.86 -14.11
CA TYR A 131 17.27 -29.25 -13.87
C TYR A 131 16.37 -28.03 -13.91
N LEU A 132 15.16 -28.22 -14.42
CA LEU A 132 14.19 -27.16 -14.50
C LEU A 132 12.91 -27.55 -13.74
N ILE A 133 12.51 -26.73 -12.77
CA ILE A 133 11.26 -26.95 -12.05
C ILE A 133 10.20 -25.94 -12.49
N ILE A 134 9.26 -26.39 -13.31
CA ILE A 134 8.25 -25.46 -13.82
C ILE A 134 7.07 -25.33 -12.82
N ALA A 135 6.91 -24.14 -12.27
CA ALA A 135 5.86 -23.88 -11.30
C ALA A 135 5.23 -22.51 -11.58
N VAL A 136 4.80 -22.30 -12.82
CA VAL A 136 4.33 -20.97 -13.25
C VAL A 136 2.85 -20.75 -13.02
N GLY A 137 2.19 -21.72 -12.42
CA GLY A 137 0.79 -21.56 -12.10
C GLY A 137 -0.11 -21.43 -13.32
N ALA A 138 -1.17 -20.65 -13.16
CA ALA A 138 -2.16 -20.43 -14.20
C ALA A 138 -2.56 -18.96 -14.23
N LYS A 139 -3.42 -18.57 -15.18
CA LYS A 139 -3.90 -17.20 -15.23
C LYS A 139 -5.41 -17.14 -15.25
N THR A 140 -5.96 -15.92 -15.18
CA THR A 140 -7.40 -15.78 -15.10
C THR A 140 -8.04 -16.17 -16.43
N ASN A 141 -9.22 -16.76 -16.35
CA ASN A 141 -9.97 -17.17 -17.54
C ASN A 141 -11.32 -16.47 -17.62
N THR A 142 -11.55 -15.73 -18.69
CA THR A 142 -12.80 -15.00 -18.90
C THR A 142 -13.86 -15.81 -19.64
N PHE A 143 -13.51 -17.02 -20.03
CA PHE A 143 -14.37 -17.86 -20.88
C PHE A 143 -14.78 -17.14 -22.17
N ASN A 144 -13.97 -16.15 -22.57
CA ASN A 144 -14.21 -15.33 -23.75
C ASN A 144 -15.57 -14.64 -23.72
N ILE A 145 -16.15 -14.52 -22.53
CA ILE A 145 -17.41 -13.81 -22.35
C ILE A 145 -17.16 -12.34 -22.62
N ASN A 146 -17.94 -11.78 -23.53
CA ASN A 146 -17.76 -10.40 -23.96
C ASN A 146 -17.78 -9.45 -22.77
N GLY A 147 -16.73 -8.65 -22.64
CA GLY A 147 -16.71 -7.57 -21.66
C GLY A 147 -16.11 -7.84 -20.28
N VAL A 148 -15.87 -9.10 -19.92
CA VAL A 148 -15.32 -9.32 -18.58
C VAL A 148 -13.86 -8.86 -18.46
N ASP A 149 -13.04 -9.06 -19.49
CA ASP A 149 -11.66 -8.60 -19.35
C ASP A 149 -11.60 -7.07 -19.35
N LYS A 150 -12.55 -6.44 -20.06
CA LYS A 150 -12.62 -4.99 -20.09
C LYS A 150 -13.14 -4.40 -18.78
N TYR A 151 -14.18 -4.99 -18.20
CA TYR A 151 -14.92 -4.31 -17.13
C TYR A 151 -14.84 -4.97 -15.76
N ALA A 152 -14.52 -6.26 -15.68
CA ALA A 152 -14.56 -6.98 -14.41
C ALA A 152 -13.21 -6.89 -13.68
N TYR A 153 -13.25 -6.98 -12.35
CA TYR A 153 -12.05 -7.07 -11.53
C TYR A 153 -11.76 -8.55 -11.17
N PHE A 154 -10.56 -9.02 -11.47
CA PHE A 154 -10.18 -10.38 -11.10
C PHE A 154 -9.68 -10.41 -9.64
N VAL A 155 -9.54 -11.61 -9.09
CA VAL A 155 -9.05 -11.78 -7.73
C VAL A 155 -7.97 -12.83 -7.69
N LYS A 156 -6.82 -12.56 -8.28
CA LYS A 156 -5.83 -13.63 -8.33
C LYS A 156 -4.55 -13.29 -7.58
N ASP A 157 -4.28 -12.00 -7.37
CA ASP A 157 -3.03 -11.63 -6.72
C ASP A 157 -3.20 -10.38 -5.87
N ILE A 158 -2.14 -9.99 -5.17
CA ILE A 158 -2.19 -8.84 -4.28
C ILE A 158 -2.75 -7.60 -4.98
N ASP A 159 -2.23 -7.29 -6.15
CA ASP A 159 -2.65 -6.08 -6.87
C ASP A 159 -4.14 -6.10 -7.20
N ASP A 160 -4.66 -7.26 -7.61
CA ASP A 160 -6.08 -7.43 -7.89
C ASP A 160 -6.94 -7.06 -6.68
N ALA A 161 -6.58 -7.60 -5.53
CA ALA A 161 -7.39 -7.38 -4.32
C ALA A 161 -7.41 -5.91 -3.92
N LEU A 162 -6.25 -5.25 -4.06
CA LEU A 162 -6.16 -3.85 -3.68
C LEU A 162 -6.93 -2.91 -4.63
N LYS A 163 -7.00 -3.27 -5.91
CA LYS A 163 -7.75 -2.47 -6.87
C LYS A 163 -9.24 -2.62 -6.60
N ILE A 164 -9.65 -3.82 -6.22
CA ILE A 164 -11.03 -4.06 -5.85
C ILE A 164 -11.40 -3.21 -4.65
N ARG A 165 -10.57 -3.27 -3.61
CA ARG A 165 -10.77 -2.45 -2.42
C ARG A 165 -10.83 -0.97 -2.77
N LYS A 166 -9.86 -0.50 -3.56
CA LYS A 166 -9.83 0.92 -3.91
C LYS A 166 -11.07 1.35 -4.72
N LYS A 167 -11.51 0.51 -5.66
CA LYS A 167 -12.67 0.84 -6.46
C LYS A 167 -13.90 0.98 -5.58
N PHE A 168 -14.11 0.04 -4.68
CA PHE A 168 -15.23 0.11 -3.77
C PHE A 168 -15.18 1.41 -2.93
N LEU A 169 -14.01 1.76 -2.43
CA LEU A 169 -13.85 2.97 -1.65
C LEU A 169 -14.13 4.21 -2.51
N ASP A 170 -13.67 4.20 -3.77
CA ASP A 170 -13.90 5.32 -4.67
C ASP A 170 -15.40 5.53 -4.89
N ILE A 171 -16.14 4.44 -5.02
CA ILE A 171 -17.57 4.53 -5.32
C ILE A 171 -18.31 5.11 -4.14
N LEU A 172 -17.92 4.74 -2.93
CA LEU A 172 -18.55 5.29 -1.73
C LEU A 172 -18.41 6.82 -1.68
N GLU A 173 -17.22 7.32 -2.00
CA GLU A 173 -17.01 8.77 -1.98
C GLU A 173 -17.81 9.45 -3.10
N LYS A 174 -17.81 8.85 -4.28
CA LYS A 174 -18.55 9.41 -5.41
C LYS A 174 -20.04 9.54 -5.10
N CYS A 175 -20.59 8.56 -4.40
CA CYS A 175 -22.02 8.56 -4.06
C CYS A 175 -22.40 9.42 -2.87
N THR A 176 -21.42 10.05 -2.23
CA THR A 176 -21.68 10.98 -1.15
C THR A 176 -21.84 12.41 -1.72
N LEU A 177 -21.48 12.60 -2.99
CA LEU A 177 -21.60 13.91 -3.64
C LEU A 177 -23.06 14.31 -3.89
N PRO A 178 -23.35 15.63 -3.93
CA PRO A 178 -24.75 16.06 -4.03
C PRO A 178 -25.33 15.94 -5.45
N ASN A 179 -24.45 15.74 -6.42
CA ASN A 179 -24.81 15.74 -7.83
C ASN A 179 -25.28 14.39 -8.41
N ILE A 180 -25.79 13.50 -7.58
N ILE A 180 -25.88 13.54 -7.58
CA ILE A 180 -26.30 12.22 -8.08
CA ILE A 180 -26.24 12.17 -7.96
C ILE A 180 -27.56 11.78 -7.35
C ILE A 180 -27.56 11.74 -7.31
N SER A 181 -28.47 11.18 -8.11
CA SER A 181 -29.78 10.75 -7.61
C SER A 181 -29.70 9.43 -6.88
N ASN A 182 -30.77 9.14 -6.13
CA ASN A 182 -30.88 7.89 -5.40
C ASN A 182 -30.87 6.66 -6.33
N GLU A 183 -31.51 6.80 -7.49
CA GLU A 183 -31.54 5.71 -8.43
C GLU A 183 -30.14 5.43 -8.98
N GLU A 184 -29.37 6.48 -9.23
CA GLU A 184 -28.02 6.29 -9.74
C GLU A 184 -27.14 5.66 -8.67
N LYS A 185 -27.41 6.00 -7.41
CA LYS A 185 -26.67 5.45 -6.27
C LYS A 185 -26.92 3.95 -6.14
N LYS A 186 -28.18 3.54 -6.23
CA LYS A 186 -28.52 2.13 -6.09
C LYS A 186 -27.80 1.31 -7.16
N LYS A 187 -27.67 1.88 -8.35
CA LYS A 187 -26.96 1.19 -9.43
C LYS A 187 -25.46 1.14 -9.16
N MET A 188 -24.91 2.27 -8.73
CA MET A 188 -23.46 2.35 -8.51
C MET A 188 -23.01 1.57 -7.28
N LEU A 189 -23.87 1.45 -6.29
CA LEU A 189 -23.50 0.78 -5.05
C LEU A 189 -23.90 -0.70 -5.06
N HIS A 190 -24.10 -1.25 -6.25
CA HIS A 190 -24.37 -2.67 -6.33
C HIS A 190 -23.08 -3.42 -6.64
N VAL A 191 -22.65 -4.26 -5.70
CA VAL A 191 -21.45 -5.06 -5.92
C VAL A 191 -21.91 -6.45 -6.31
N ALA A 192 -21.35 -6.96 -7.40
CA ALA A 192 -21.68 -8.27 -7.93
C ALA A 192 -20.43 -9.12 -7.94
N VAL A 193 -20.54 -10.32 -7.37
CA VAL A 193 -19.41 -11.23 -7.30
C VAL A 193 -19.78 -12.47 -8.11
N VAL A 194 -18.98 -12.79 -9.10
CA VAL A 194 -19.27 -13.90 -9.98
C VAL A 194 -18.48 -15.14 -9.61
N GLY A 195 -19.18 -16.14 -9.09
CA GLY A 195 -18.54 -17.40 -8.72
C GLY A 195 -18.89 -17.81 -7.31
N GLY A 196 -19.47 -19.00 -7.14
CA GLY A 196 -19.93 -19.46 -5.84
C GLY A 196 -18.97 -20.38 -5.12
N GLY A 197 -17.75 -20.47 -5.62
CA GLY A 197 -16.69 -21.23 -4.96
C GLY A 197 -16.15 -20.46 -3.77
N PRO A 198 -15.12 -20.99 -3.10
CA PRO A 198 -14.63 -20.39 -1.86
C PRO A 198 -14.20 -18.92 -2.01
N THR A 199 -13.52 -18.59 -3.10
CA THR A 199 -13.07 -17.21 -3.27
C THR A 199 -14.23 -16.22 -3.40
N GLY A 200 -15.15 -16.51 -4.31
CA GLY A 200 -16.33 -15.69 -4.50
C GLY A 200 -17.13 -15.54 -3.21
N VAL A 201 -17.30 -16.64 -2.51
CA VAL A 201 -18.02 -16.64 -1.25
C VAL A 201 -17.31 -15.78 -0.21
N GLU A 202 -15.99 -15.94 -0.09
CA GLU A 202 -15.23 -15.19 0.92
C GLU A 202 -15.15 -13.69 0.61
N VAL A 203 -15.00 -13.34 -0.66
CA VAL A 203 -15.00 -11.92 -1.05
C VAL A 203 -16.35 -11.29 -0.72
N THR A 204 -17.44 -12.00 -1.01
CA THR A 204 -18.77 -11.51 -0.73
C THR A 204 -18.96 -11.30 0.79
N ALA A 205 -18.55 -12.29 1.59
CA ALA A 205 -18.70 -12.23 3.04
C ALA A 205 -17.91 -11.06 3.65
N GLU A 206 -16.70 -10.85 3.14
CA GLU A 206 -15.83 -9.79 3.65
C GLU A 206 -16.39 -8.40 3.37
N PHE A 207 -16.88 -8.20 2.14
CA PHE A 207 -17.58 -6.97 1.82
C PHE A 207 -18.85 -6.78 2.63
N ALA A 208 -19.60 -7.87 2.87
CA ALA A 208 -20.82 -7.75 3.67
C ALA A 208 -20.49 -7.27 5.07
N ASP A 209 -19.43 -7.81 5.67
CA ASP A 209 -19.00 -7.38 7.00
C ASP A 209 -18.55 -5.91 6.99
N PHE A 210 -17.70 -5.57 6.03
CA PHE A 210 -17.21 -4.20 5.88
C PHE A 210 -18.39 -3.21 5.76
N ILE A 211 -19.32 -3.50 4.86
CA ILE A 211 -20.52 -2.71 4.64
C ILE A 211 -21.39 -2.56 5.90
N ASN A 212 -21.59 -3.66 6.60
CA ASN A 212 -22.38 -3.66 7.82
C ASN A 212 -21.71 -3.02 9.02
N LYS A 213 -20.39 -2.86 8.97
CA LYS A 213 -19.72 -2.27 10.13
C LYS A 213 -19.15 -0.88 9.84
N GLU A 214 -17.93 -0.80 9.33
CA GLU A 214 -17.26 0.48 9.16
C GLU A 214 -17.98 1.38 8.15
N VAL A 215 -18.48 0.80 7.07
CA VAL A 215 -19.14 1.59 6.04
C VAL A 215 -20.45 2.17 6.57
N LYS A 216 -21.21 1.33 7.28
CA LYS A 216 -22.46 1.77 7.86
C LYS A 216 -22.23 2.96 8.81
N ILE A 217 -21.11 2.91 9.55
CA ILE A 217 -20.75 3.97 10.48
C ILE A 217 -20.27 5.24 9.76
N ASN A 218 -19.39 5.08 8.78
CA ASN A 218 -18.81 6.26 8.11
C ASN A 218 -19.61 6.83 6.94
N TYR A 219 -20.54 6.07 6.39
CA TYR A 219 -21.32 6.53 5.24
C TYR A 219 -22.79 6.26 5.47
N LYS A 220 -23.29 6.64 6.63
CA LYS A 220 -24.65 6.26 7.02
C LYS A 220 -25.72 6.68 6.00
N ASP A 221 -25.53 7.83 5.36
CA ASP A 221 -26.53 8.36 4.43
C ASP A 221 -26.70 7.55 3.14
N ILE A 222 -25.71 6.73 2.79
CA ILE A 222 -25.83 5.93 1.57
C ILE A 222 -25.85 4.44 1.86
N PHE A 223 -25.77 4.07 3.14
CA PHE A 223 -25.72 2.66 3.54
C PHE A 223 -26.85 1.87 2.92
N ASN A 224 -28.05 2.46 2.97
CA ASN A 224 -29.27 1.79 2.53
C ASN A 224 -29.33 1.53 1.04
N PHE A 225 -28.49 2.21 0.26
CA PHE A 225 -28.46 1.99 -1.18
C PHE A 225 -27.48 0.91 -1.64
N ILE A 226 -26.69 0.39 -0.70
CA ILE A 226 -25.68 -0.60 -1.04
C ILE A 226 -26.28 -2.00 -1.14
N SER A 227 -25.91 -2.75 -2.17
CA SER A 227 -26.31 -4.14 -2.25
C SER A 227 -25.18 -5.01 -2.75
N ILE A 228 -25.27 -6.30 -2.45
CA ILE A 228 -24.33 -7.27 -2.96
C ILE A 228 -25.08 -8.49 -3.50
N SER A 229 -24.65 -8.95 -4.67
CA SER A 229 -25.19 -10.18 -5.24
C SER A 229 -24.03 -11.13 -5.51
N ILE A 230 -24.24 -12.43 -5.28
CA ILE A 230 -23.26 -13.42 -5.72
C ILE A 230 -23.92 -14.34 -6.75
N ILE A 231 -23.20 -14.60 -7.84
CA ILE A 231 -23.76 -15.31 -8.98
C ILE A 231 -23.05 -16.63 -9.18
N GLU A 232 -23.82 -17.72 -9.27
CA GLU A 232 -23.23 -19.05 -9.35
C GLU A 232 -24.09 -19.96 -10.24
N GLY A 233 -23.45 -20.64 -11.20
CA GLY A 233 -24.15 -21.49 -12.15
C GLY A 233 -24.93 -22.67 -11.55
N GLY A 234 -24.37 -23.31 -10.53
CA GLY A 234 -25.00 -24.46 -9.90
C GLY A 234 -25.92 -24.03 -8.80
N ASN A 235 -26.60 -24.98 -8.16
CA ASN A 235 -27.53 -24.66 -7.09
C ASN A 235 -26.86 -24.32 -5.75
N ASN A 236 -25.59 -24.68 -5.58
CA ASN A 236 -24.97 -24.58 -4.27
C ASN A 236 -23.83 -23.56 -4.18
N LEU A 237 -23.84 -22.70 -3.16
CA LEU A 237 -22.60 -22.00 -2.79
C LEU A 237 -21.68 -23.04 -2.17
N LEU A 238 -20.36 -22.88 -2.32
CA LEU A 238 -19.38 -23.84 -1.82
C LEU A 238 -19.73 -25.28 -2.22
N PRO A 239 -19.84 -25.55 -3.54
CA PRO A 239 -20.31 -26.87 -3.99
C PRO A 239 -19.33 -28.02 -3.69
N THR A 240 -18.06 -27.72 -3.48
CA THR A 240 -17.08 -28.77 -3.13
C THR A 240 -17.06 -29.12 -1.64
N PHE A 241 -17.81 -28.37 -0.84
CA PHE A 241 -17.97 -28.66 0.59
C PHE A 241 -19.19 -29.57 0.71
N THR A 242 -19.61 -29.88 1.93
CA THR A 242 -20.79 -30.71 2.15
C THR A 242 -22.10 -29.96 1.93
N GLN A 243 -23.18 -30.72 1.70
CA GLN A 243 -24.47 -30.12 1.42
C GLN A 243 -24.95 -29.29 2.60
N ASN A 244 -24.69 -29.75 3.81
CA ASN A 244 -25.07 -28.98 4.99
C ASN A 244 -24.30 -27.64 5.06
N ILE A 245 -23.03 -27.66 4.66
CA ILE A 245 -22.26 -26.42 4.64
C ILE A 245 -22.81 -25.47 3.57
N SER A 246 -23.10 -25.99 2.38
CA SER A 246 -23.71 -25.19 1.31
C SER A 246 -25.03 -24.54 1.75
N ASP A 247 -25.89 -25.30 2.42
CA ASP A 247 -27.17 -24.75 2.85
C ASP A 247 -26.98 -23.69 3.93
N PHE A 248 -26.09 -23.96 4.88
CA PHE A 248 -25.80 -23.02 5.94
C PHE A 248 -25.21 -21.71 5.39
N THR A 249 -24.37 -21.82 4.37
CA THR A 249 -23.79 -20.65 3.73
C THR A 249 -24.84 -19.79 3.03
N LYS A 250 -25.73 -20.42 2.26
CA LYS A 250 -26.81 -19.69 1.57
C LYS A 250 -27.73 -19.01 2.58
N GLU A 251 -28.00 -19.72 3.67
CA GLU A 251 -28.82 -19.18 4.74
C GLU A 251 -28.15 -18.01 5.46
N ASN A 252 -26.86 -18.12 5.69
CA ASN A 252 -26.15 -17.02 6.32
C ASN A 252 -26.17 -15.79 5.39
N PHE A 253 -26.00 -16.02 4.09
CA PHE A 253 -26.03 -14.92 3.11
C PHE A 253 -27.43 -14.28 3.06
N HIS A 254 -28.49 -15.08 3.00
CA HIS A 254 -29.87 -14.56 3.11
C HIS A 254 -30.04 -13.69 4.34
N ASN A 255 -29.65 -14.21 5.49
CA ASN A 255 -29.75 -13.45 6.74
C ASN A 255 -28.96 -12.14 6.69
N LEU A 256 -27.93 -12.08 5.86
CA LEU A 256 -27.16 -10.83 5.70
C LEU A 256 -27.71 -9.98 4.55
N ASN A 257 -28.79 -10.46 3.92
CA ASN A 257 -29.45 -9.74 2.83
C ASN A 257 -28.57 -9.60 1.59
N ILE A 258 -27.67 -10.58 1.42
CA ILE A 258 -26.94 -10.75 0.17
C ILE A 258 -27.87 -11.41 -0.84
N ASN A 259 -27.89 -10.91 -2.08
CA ASN A 259 -28.66 -11.60 -3.10
C ASN A 259 -27.90 -12.83 -3.59
N VAL A 260 -28.45 -13.99 -3.31
CA VAL A 260 -27.82 -15.24 -3.76
C VAL A 260 -28.43 -15.69 -5.07
N LEU A 261 -27.69 -15.49 -6.14
CA LEU A 261 -28.15 -15.81 -7.48
C LEU A 261 -27.53 -17.13 -7.93
N THR A 262 -27.76 -18.18 -7.15
CA THR A 262 -27.45 -19.53 -7.59
C THR A 262 -28.28 -19.88 -8.84
N ASN A 263 -27.84 -20.88 -9.59
CA ASN A 263 -28.51 -21.29 -10.84
C ASN A 263 -28.58 -20.14 -11.85
N TYR A 264 -27.52 -19.34 -11.91
CA TYR A 264 -27.38 -18.30 -12.91
C TYR A 264 -25.93 -18.17 -13.34
N TYR A 265 -25.69 -17.87 -14.61
CA TYR A 265 -24.33 -17.57 -15.00
C TYR A 265 -24.30 -16.37 -15.95
N VAL A 266 -23.15 -15.72 -15.99
CA VAL A 266 -23.00 -14.48 -16.74
C VAL A 266 -22.75 -14.79 -18.22
N ILE A 267 -23.40 -14.05 -19.11
CA ILE A 267 -23.25 -14.29 -20.54
C ILE A 267 -22.75 -13.08 -21.29
N ASP A 268 -22.79 -11.93 -20.64
CA ASP A 268 -22.31 -10.70 -21.27
C ASP A 268 -22.07 -9.61 -20.23
N VAL A 269 -21.04 -8.81 -20.46
CA VAL A 269 -20.75 -7.70 -19.55
C VAL A 269 -20.62 -6.40 -20.33
N ASP A 270 -21.38 -5.39 -19.92
CA ASP A 270 -21.28 -4.05 -20.49
C ASP A 270 -20.73 -3.11 -19.41
N LYS A 271 -20.60 -1.82 -19.73
CA LYS A 271 -19.99 -0.89 -18.80
C LYS A 271 -20.81 -0.68 -17.52
N HIS A 272 -22.13 -0.57 -17.66
CA HIS A 272 -22.99 -0.30 -16.49
C HIS A 272 -23.94 -1.43 -16.12
N SER A 273 -24.01 -2.47 -16.94
CA SER A 273 -24.87 -3.60 -16.62
C SER A 273 -24.29 -4.90 -17.15
N PHE A 274 -24.75 -6.03 -16.60
CA PHE A 274 -24.38 -7.33 -17.18
C PHE A 274 -25.62 -8.20 -17.33
N HIS A 275 -25.52 -9.25 -18.12
CA HIS A 275 -26.65 -10.13 -18.34
C HIS A 275 -26.40 -11.49 -17.74
N ILE A 276 -27.39 -12.02 -17.06
CA ILE A 276 -27.30 -13.40 -16.62
C ILE A 276 -28.39 -14.30 -17.21
N GLN A 277 -28.10 -15.59 -17.18
CA GLN A 277 -28.86 -16.64 -17.81
C GLN A 277 -29.18 -17.76 -16.80
N SER A 278 -30.47 -18.07 -16.65
CA SER A 278 -30.88 -19.16 -15.77
C SER A 278 -30.28 -20.48 -16.24
N SER A 279 -29.86 -21.30 -15.29
CA SER A 279 -29.32 -22.62 -15.56
C SER A 279 -30.46 -23.63 -15.68
N LEU A 280 -31.61 -23.23 -15.19
CA LEU A 280 -32.80 -24.06 -15.13
C LEU A 280 -33.78 -23.80 -16.27
N ASN A 281 -33.70 -22.63 -16.90
CA ASN A 281 -34.53 -22.28 -18.05
C ASN A 281 -33.72 -21.42 -19.03
N LYS A 282 -33.31 -22.01 -20.14
CA LYS A 282 -32.44 -21.32 -21.12
C LYS A 282 -33.06 -20.04 -21.68
N ASN A 283 -34.38 -19.90 -21.56
CA ASN A 283 -35.05 -18.74 -22.13
C ASN A 283 -35.14 -17.56 -21.17
N GLU A 284 -34.80 -17.79 -19.90
CA GLU A 284 -34.84 -16.72 -18.91
C GLU A 284 -33.48 -16.04 -18.75
N LYS A 285 -33.48 -14.74 -19.01
CA LYS A 285 -32.31 -13.90 -18.88
C LYS A 285 -32.68 -12.73 -17.99
N LYS A 286 -31.68 -12.11 -17.36
CA LYS A 286 -31.92 -10.89 -16.61
C LYS A 286 -30.78 -9.92 -16.85
N LYS A 287 -31.13 -8.64 -16.90
CA LYS A 287 -30.15 -7.56 -17.04
C LYS A 287 -30.04 -6.92 -15.67
N LEU A 288 -28.82 -6.71 -15.20
CA LEU A 288 -28.58 -6.17 -13.86
C LEU A 288 -27.61 -5.00 -13.92
N SER A 289 -27.93 -3.90 -13.25
CA SER A 289 -26.99 -2.79 -13.13
C SER A 289 -25.95 -3.12 -12.06
N TYR A 290 -24.76 -2.54 -12.19
CA TYR A 290 -23.70 -2.78 -11.21
C TYR A 290 -22.72 -1.61 -11.14
N GLY A 291 -22.06 -1.46 -10.01
CA GLY A 291 -20.96 -0.52 -9.87
C GLY A 291 -19.59 -1.17 -9.81
N LEU A 292 -19.54 -2.36 -9.25
CA LEU A 292 -18.30 -3.12 -9.13
C LEU A 292 -18.58 -4.58 -9.43
N LEU A 293 -17.90 -5.13 -10.44
CA LEU A 293 -18.08 -6.52 -10.83
C LEU A 293 -16.80 -7.30 -10.56
N ILE A 294 -16.90 -8.32 -9.71
CA ILE A 294 -15.74 -9.10 -9.32
C ILE A 294 -15.82 -10.50 -9.92
N TRP A 295 -14.80 -10.87 -10.67
CA TRP A 295 -14.76 -12.17 -11.34
C TRP A 295 -13.88 -13.14 -10.54
N ALA A 296 -14.52 -14.01 -9.77
CA ALA A 296 -13.77 -14.73 -8.75
C ALA A 296 -13.35 -16.12 -9.21
N SER A 297 -13.72 -16.47 -10.42
CA SER A 297 -13.59 -17.82 -10.94
C SER A 297 -12.86 -17.90 -12.28
N GLY A 298 -12.16 -19.01 -12.51
CA GLY A 298 -11.61 -19.31 -13.83
C GLY A 298 -10.10 -19.33 -13.99
N LEU A 299 -9.59 -20.51 -14.34
CA LEU A 299 -8.17 -20.71 -14.63
C LEU A 299 -7.95 -21.00 -16.11
N ALA A 300 -6.87 -20.45 -16.65
CA ALA A 300 -6.40 -20.80 -17.98
C ALA A 300 -4.88 -20.96 -17.91
N GLN A 301 -4.30 -21.61 -18.89
CA GLN A 301 -2.88 -21.87 -18.88
C GLN A 301 -2.09 -20.65 -19.31
N THR A 302 -0.91 -20.49 -18.74
CA THR A 302 -0.03 -19.39 -19.13
C THR A 302 0.41 -19.54 -20.58
N THR A 303 0.81 -18.44 -21.20
CA THR A 303 1.34 -18.48 -22.56
C THR A 303 2.60 -19.34 -22.63
N LEU A 304 3.43 -19.27 -21.60
CA LEU A 304 4.64 -20.08 -21.57
C LEU A 304 4.34 -21.58 -21.72
N ILE A 305 3.32 -22.04 -21.00
CA ILE A 305 2.97 -23.46 -21.02
C ILE A 305 2.39 -23.84 -22.38
N GLN A 306 1.54 -22.96 -22.91
CA GLN A 306 0.96 -23.13 -24.24
C GLN A 306 2.03 -23.28 -25.31
N LYS A 307 3.09 -22.46 -25.22
CA LYS A 307 4.18 -22.52 -26.18
C LYS A 307 5.11 -23.71 -25.97
N PHE A 308 5.39 -24.03 -24.70
CA PHE A 308 6.24 -25.16 -24.39
C PHE A 308 5.61 -26.47 -24.88
N LEU A 309 4.30 -26.55 -24.76
CA LEU A 309 3.60 -27.79 -25.11
C LEU A 309 3.81 -28.14 -26.60
N LYS A 310 3.74 -27.12 -27.46
CA LYS A 310 3.84 -27.33 -28.90
C LYS A 310 5.23 -27.73 -29.38
N THR A 311 6.20 -27.67 -28.49
CA THR A 311 7.57 -28.06 -28.81
C THR A 311 7.86 -29.47 -28.35
N ILE A 312 6.90 -30.09 -27.68
CA ILE A 312 7.02 -31.48 -27.25
C ILE A 312 6.09 -32.33 -28.11
N PRO A 313 6.68 -33.16 -29.01
CA PRO A 313 5.87 -33.89 -29.99
C PRO A 313 4.74 -34.71 -29.36
N VAL A 314 5.07 -35.61 -28.44
CA VAL A 314 4.05 -36.38 -27.74
C VAL A 314 2.98 -35.52 -27.02
N GLN A 315 3.32 -34.30 -26.59
CA GLN A 315 2.34 -33.46 -25.89
C GLN A 315 1.77 -32.33 -26.76
N ALA A 316 2.11 -32.33 -28.06
CA ALA A 316 1.87 -31.19 -28.94
C ALA A 316 0.45 -30.66 -28.97
N ASN A 317 -0.55 -31.52 -28.80
CA ASN A 317 -1.93 -31.05 -28.84
C ASN A 317 -2.64 -31.12 -27.49
N ASN A 318 -1.87 -31.21 -26.41
CA ASN A 318 -2.43 -31.15 -25.06
C ASN A 318 -2.89 -29.77 -24.69
N ALA A 319 -3.86 -29.68 -23.76
CA ALA A 319 -4.29 -28.39 -23.23
C ALA A 319 -3.55 -28.09 -21.92
N ILE A 320 -2.91 -29.10 -21.34
CA ILE A 320 -2.20 -28.88 -20.10
C ILE A 320 -0.96 -29.77 -20.05
N LEU A 321 0.04 -29.30 -19.33
CA LEU A 321 1.30 -30.00 -19.23
C LEU A 321 1.13 -31.29 -18.42
N LYS A 322 1.50 -32.43 -19.02
CA LYS A 322 1.41 -33.71 -18.31
C LYS A 322 2.74 -34.12 -17.72
N VAL A 323 2.72 -34.59 -16.47
CA VAL A 323 3.92 -35.12 -15.84
C VAL A 323 3.66 -36.55 -15.41
N ASP A 324 4.71 -37.32 -15.18
CA ASP A 324 4.50 -38.68 -14.70
C ASP A 324 4.37 -38.70 -13.19
N GLU A 325 4.32 -39.90 -12.63
CA GLU A 325 4.04 -40.08 -11.20
C GLU A 325 5.14 -39.54 -10.30
N LYS A 326 6.25 -39.15 -10.91
CA LYS A 326 7.39 -38.62 -10.18
C LYS A 326 7.57 -37.13 -10.47
N LEU A 327 6.58 -36.59 -11.18
CA LEU A 327 6.42 -35.16 -11.52
C LEU A 327 7.35 -34.73 -12.64
N ARG A 328 7.91 -35.70 -13.36
CA ARG A 328 8.75 -35.40 -14.53
C ARG A 328 7.89 -35.13 -15.75
N VAL A 329 8.17 -34.03 -16.44
CA VAL A 329 7.46 -33.71 -17.67
C VAL A 329 7.65 -34.83 -18.70
N ILE A 330 6.55 -35.26 -19.32
CA ILE A 330 6.55 -36.41 -20.22
C ILE A 330 6.98 -35.99 -21.64
N GLY A 331 7.87 -36.77 -22.25
CA GLY A 331 8.35 -36.46 -23.59
C GLY A 331 9.67 -35.71 -23.60
N ILE A 332 10.40 -35.79 -22.49
CA ILE A 332 11.70 -35.16 -22.36
C ILE A 332 12.75 -36.24 -22.13
N PRO A 333 13.52 -36.57 -23.18
CA PRO A 333 14.48 -37.68 -23.15
C PRO A 333 15.39 -37.65 -21.92
N SER A 334 15.81 -36.44 -21.51
CA SER A 334 16.74 -36.32 -20.40
C SER A 334 16.09 -36.36 -19.01
N ASN A 335 14.76 -36.38 -18.96
CA ASN A 335 14.05 -36.43 -17.67
C ASN A 335 14.55 -35.40 -16.67
N ASN A 336 14.88 -34.21 -17.14
CA ASN A 336 15.47 -33.21 -16.28
C ASN A 336 14.57 -31.98 -16.14
N ILE A 337 13.36 -32.07 -16.70
CA ILE A 337 12.34 -31.05 -16.46
C ILE A 337 11.20 -31.61 -15.59
N TYR A 338 10.86 -30.89 -14.51
CA TYR A 338 9.76 -31.25 -13.62
C TYR A 338 8.73 -30.13 -13.63
N ALA A 339 7.50 -30.44 -13.26
CA ALA A 339 6.47 -29.41 -13.12
C ALA A 339 5.61 -29.71 -11.91
N ILE A 340 5.21 -28.67 -11.20
CA ILE A 340 4.42 -28.85 -9.98
C ILE A 340 3.34 -27.77 -9.90
N GLY A 341 2.30 -28.00 -9.11
CA GLY A 341 1.28 -26.97 -8.94
C GLY A 341 0.24 -26.93 -10.05
N ASP A 342 -0.37 -25.76 -10.24
CA ASP A 342 -1.53 -25.60 -11.13
C ASP A 342 -1.23 -25.73 -12.63
N CYS A 343 0.04 -25.67 -13.01
CA CYS A 343 0.36 -25.70 -14.44
C CYS A 343 0.41 -27.13 -15.00
N LYS A 344 0.22 -28.13 -14.14
CA LYS A 344 0.42 -29.52 -14.55
C LYS A 344 -0.75 -30.44 -14.18
N LYS A 345 -0.80 -31.58 -14.84
CA LYS A 345 -1.63 -32.72 -14.44
C LYS A 345 -0.75 -33.98 -14.46
N ILE A 346 -0.97 -34.89 -13.51
CA ILE A 346 -0.19 -36.12 -13.43
C ILE A 346 -0.84 -37.23 -14.29
N GLN A 347 -0.03 -37.87 -15.14
CA GLN A 347 -0.46 -39.05 -15.88
C GLN A 347 0.46 -40.19 -15.46
N PRO A 348 0.01 -41.01 -14.50
CA PRO A 348 0.92 -41.99 -13.89
C PRO A 348 1.19 -43.17 -14.80
N LYS A 349 2.24 -43.91 -14.48
CA LYS A 349 2.54 -45.18 -15.12
C LYS A 349 1.30 -46.07 -15.04
N LEU A 350 0.93 -46.68 -16.16
CA LEU A 350 -0.31 -47.45 -16.27
C LEU A 350 -0.18 -48.84 -15.68
N LEU A 351 -1.06 -49.14 -14.73
CA LEU A 351 -1.16 -50.46 -14.12
C LEU A 351 -1.32 -51.52 -15.20
N HIS A 352 -2.21 -51.26 -16.15
CA HIS A 352 -2.58 -52.31 -17.08
C HIS A 352 -1.47 -52.61 -18.10
N GLU A 353 -0.47 -51.74 -18.20
CA GLU A 353 0.69 -52.03 -19.02
C GLU A 353 1.72 -52.84 -18.25
N HIS A 354 1.41 -53.18 -17.00
CA HIS A 354 2.31 -53.99 -16.20
C HIS A 354 1.56 -55.14 -15.50
N THR A 355 0.51 -55.63 -16.17
CA THR A 355 -0.37 -56.64 -15.60
C THR A 355 0.38 -57.87 -15.09
N ASN A 356 1.19 -58.48 -15.95
CA ASN A 356 1.92 -59.69 -15.57
C ASN A 356 2.86 -59.50 -14.40
N GLU A 357 3.54 -58.36 -14.37
CA GLU A 357 4.43 -58.06 -13.25
C GLU A 357 3.66 -57.99 -11.94
N ILE A 358 2.49 -57.35 -11.99
CA ILE A 358 1.67 -57.20 -10.79
C ILE A 358 1.14 -58.55 -10.35
N ILE A 359 0.69 -59.37 -11.30
CA ILE A 359 0.22 -60.72 -10.98
C ILE A 359 1.27 -61.51 -10.20
N LYS A 360 2.51 -61.52 -10.69
CA LYS A 360 3.61 -62.20 -9.99
C LYS A 360 3.80 -61.67 -8.57
N ILE A 361 3.72 -60.35 -8.41
CA ILE A 361 3.86 -59.72 -7.09
C ILE A 361 2.79 -60.20 -6.09
N LEU A 362 1.59 -60.43 -6.59
CA LEU A 362 0.46 -60.84 -5.74
C LEU A 362 0.68 -62.20 -5.07
N THR A 363 0.34 -62.25 -3.79
CA THR A 363 0.53 -63.42 -2.94
C THR A 363 -0.64 -64.40 -3.04
N GLY A 364 -0.30 -65.63 -3.41
CA GLY A 364 -1.24 -66.72 -3.59
C GLY A 364 -1.47 -66.87 -5.09
N ASN A 365 -2.44 -67.70 -5.48
CA ASN A 365 -2.71 -67.93 -6.91
C ASN A 365 -4.00 -67.28 -7.41
N LYS A 366 -4.79 -66.69 -6.51
CA LYS A 366 -6.09 -66.15 -6.88
C LYS A 366 -6.12 -64.63 -6.96
N LEU A 367 -6.28 -64.13 -8.18
CA LEU A 367 -6.31 -62.70 -8.44
C LEU A 367 -7.64 -62.08 -8.01
N THR A 368 -7.67 -61.55 -6.79
CA THR A 368 -8.85 -60.91 -6.23
C THR A 368 -8.50 -59.46 -5.93
N SER A 369 -9.52 -58.60 -5.80
CA SER A 369 -9.28 -57.21 -5.45
C SER A 369 -8.69 -57.14 -4.04
N GLU A 370 -9.04 -58.11 -3.19
CA GLU A 370 -8.49 -58.12 -1.84
C GLU A 370 -7.01 -58.47 -1.85
N ALA A 371 -6.63 -59.34 -2.78
CA ALA A 371 -5.23 -59.70 -2.95
C ALA A 371 -4.43 -58.46 -3.36
N LEU A 372 -4.96 -57.71 -4.34
CA LEU A 372 -4.34 -56.47 -4.78
C LEU A 372 -4.21 -55.50 -3.60
N LYS A 373 -5.28 -55.36 -2.82
CA LYS A 373 -5.27 -54.41 -1.71
C LYS A 373 -4.25 -54.80 -0.64
N LEU A 374 -3.92 -56.09 -0.58
CA LEU A 374 -2.93 -56.55 0.38
C LEU A 374 -1.51 -56.11 0.01
N LYS A 375 -1.24 -55.87 -1.27
CA LYS A 375 0.09 -55.38 -1.69
C LYS A 375 0.04 -53.89 -2.00
N GLN A 376 -1.00 -53.24 -1.49
CA GLN A 376 -1.27 -51.88 -1.86
C GLN A 376 -0.27 -50.87 -1.29
N SER A 377 0.28 -51.15 -0.11
CA SER A 377 1.37 -50.34 0.42
C SER A 377 2.59 -50.33 -0.50
N GLU A 378 3.02 -51.51 -0.95
CA GLU A 378 4.21 -51.61 -1.78
C GLU A 378 4.00 -51.06 -3.19
N LEU A 379 2.85 -51.35 -3.79
CA LEU A 379 2.66 -51.00 -5.19
C LEU A 379 2.32 -49.52 -5.33
N THR A 380 1.84 -48.92 -4.26
CA THR A 380 1.50 -47.50 -4.30
C THR A 380 2.76 -46.63 -4.43
N LYS A 381 3.91 -47.17 -4.03
CA LYS A 381 5.18 -46.45 -4.24
C LYS A 381 5.48 -46.30 -5.73
N THR A 382 4.91 -47.18 -6.54
CA THR A 382 5.04 -47.09 -7.99
C THR A 382 3.80 -46.52 -8.67
N PHE A 383 2.62 -46.92 -8.19
CA PHE A 383 1.38 -46.53 -8.86
C PHE A 383 0.49 -45.75 -7.90
N PRO A 384 0.45 -44.41 -8.00
CA PRO A 384 -0.35 -43.66 -7.02
C PRO A 384 -1.85 -43.95 -7.13
N GLN A 385 -2.30 -44.40 -8.30
CA GLN A 385 -3.71 -44.67 -8.50
C GLN A 385 -4.23 -45.87 -7.68
N LEU A 386 -3.32 -46.65 -7.08
CA LEU A 386 -3.71 -47.75 -6.20
C LEU A 386 -3.93 -47.31 -4.77
N SER A 387 -3.63 -46.05 -4.50
CA SER A 387 -3.81 -45.51 -3.16
C SER A 387 -5.26 -45.65 -2.72
N ILE A 388 -5.46 -45.93 -1.44
CA ILE A 388 -6.81 -46.01 -0.91
C ILE A 388 -7.50 -44.63 -0.97
N SER A 389 -6.70 -43.57 -1.11
CA SER A 389 -7.25 -42.23 -1.32
C SER A 389 -7.66 -42.01 -2.78
N LYS A 390 -7.27 -42.93 -3.67
CA LYS A 390 -7.53 -42.75 -5.10
C LYS A 390 -8.48 -43.81 -5.68
N TRP A 391 -8.55 -44.96 -5.02
CA TRP A 391 -9.37 -46.08 -5.47
C TRP A 391 -10.15 -46.62 -4.29
N ASP A 392 -11.47 -46.69 -4.45
CA ASP A 392 -12.32 -47.24 -3.40
C ASP A 392 -12.37 -48.76 -3.52
N TYR A 393 -11.54 -49.45 -2.73
CA TYR A 393 -11.48 -50.91 -2.79
C TYR A 393 -12.77 -51.59 -2.30
N GLU A 394 -13.44 -51.00 -1.31
CA GLU A 394 -14.67 -51.61 -0.78
C GLU A 394 -15.84 -51.50 -1.76
N LYS A 395 -15.95 -50.40 -2.49
CA LYS A 395 -17.04 -50.26 -3.44
C LYS A 395 -16.74 -50.90 -4.80
N ASN A 396 -15.54 -51.43 -4.97
CA ASN A 396 -15.16 -52.09 -6.21
C ASN A 396 -14.58 -53.46 -5.93
N LYS A 397 -15.16 -54.15 -4.95
CA LYS A 397 -14.73 -55.49 -4.58
C LYS A 397 -14.88 -56.42 -5.78
N LYS A 398 -13.94 -57.34 -5.92
CA LYS A 398 -13.91 -58.21 -7.09
C LYS A 398 -13.47 -59.61 -6.67
N GLY A 399 -14.22 -60.62 -7.09
CA GLY A 399 -13.86 -61.99 -6.78
C GLY A 399 -12.67 -62.43 -7.60
N GLU A 400 -12.47 -63.75 -7.70
CA GLU A 400 -11.34 -64.27 -8.44
C GLU A 400 -11.47 -63.94 -9.92
N MET A 401 -10.39 -63.44 -10.52
CA MET A 401 -10.42 -63.00 -11.89
C MET A 401 -9.45 -63.81 -12.74
N THR A 402 -9.76 -63.98 -14.02
CA THR A 402 -8.78 -64.48 -14.98
C THR A 402 -7.77 -63.36 -15.23
N PRO A 403 -6.58 -63.69 -15.75
CA PRO A 403 -5.62 -62.65 -16.07
C PRO A 403 -6.18 -61.51 -16.94
N GLN A 404 -6.93 -61.83 -17.99
CA GLN A 404 -7.54 -60.79 -18.82
C GLN A 404 -8.52 -59.90 -18.03
N GLN A 405 -9.28 -60.51 -17.13
CA GLN A 405 -10.23 -59.79 -16.30
C GLN A 405 -9.49 -58.87 -15.34
N PHE A 406 -8.35 -59.37 -14.84
CA PHE A 406 -7.51 -58.60 -13.94
C PHE A 406 -6.95 -57.39 -14.66
N HIS A 407 -6.48 -57.63 -15.89
CA HIS A 407 -6.02 -56.58 -16.78
C HIS A 407 -7.10 -55.50 -16.92
N ASP A 408 -8.34 -55.91 -17.18
CA ASP A 408 -9.43 -54.96 -17.34
C ASP A 408 -9.71 -54.18 -16.05
N TYR A 409 -9.58 -54.86 -14.92
CA TYR A 409 -9.76 -54.25 -13.61
C TYR A 409 -8.70 -53.17 -13.36
N LEU A 410 -7.44 -53.53 -13.61
CA LEU A 410 -6.33 -52.59 -13.48
C LEU A 410 -6.57 -51.38 -14.38
N PHE A 411 -7.03 -51.65 -15.60
CA PHE A 411 -7.36 -50.59 -16.53
C PHE A 411 -8.40 -49.64 -15.94
N GLU A 412 -9.35 -50.17 -15.18
CA GLU A 412 -10.37 -49.30 -14.58
C GLU A 412 -9.75 -48.41 -13.50
N ILE A 413 -8.79 -48.96 -12.76
CA ILE A 413 -8.08 -48.14 -11.77
C ILE A 413 -7.27 -47.02 -12.45
N ASP A 414 -6.59 -47.34 -13.55
CA ASP A 414 -5.86 -46.34 -14.32
C ASP A 414 -6.78 -45.21 -14.74
N LYS A 415 -7.91 -45.60 -15.31
CA LYS A 415 -8.88 -44.67 -15.85
C LYS A 415 -9.48 -43.77 -14.75
N ASN A 416 -9.63 -44.33 -13.55
CA ASN A 416 -10.23 -43.62 -12.42
C ASN A 416 -9.31 -42.56 -11.75
N TYR A 417 -8.01 -42.66 -11.99
CA TYR A 417 -7.05 -41.78 -11.31
C TYR A 417 -7.36 -40.30 -11.53
N LYS A 418 -7.42 -39.55 -10.45
CA LYS A 418 -7.60 -38.10 -10.57
C LYS A 418 -6.32 -37.41 -10.13
N SER A 419 -5.82 -36.53 -11.00
CA SER A 419 -4.64 -35.72 -10.70
C SER A 419 -4.90 -34.86 -9.46
N PRO A 420 -3.84 -34.46 -8.74
CA PRO A 420 -4.07 -33.58 -7.59
C PRO A 420 -4.86 -32.32 -8.02
N THR A 421 -5.83 -31.94 -7.21
CA THR A 421 -6.61 -30.73 -7.47
C THR A 421 -5.71 -29.50 -7.45
N PRO A 422 -6.07 -28.44 -8.23
CA PRO A 422 -5.23 -27.24 -8.28
C PRO A 422 -5.36 -26.38 -7.02
N THR A 423 -4.66 -26.76 -5.96
CA THR A 423 -4.72 -26.05 -4.69
C THR A 423 -3.34 -25.70 -4.13
N ALA A 424 -3.31 -24.74 -3.21
CA ALA A 424 -2.06 -24.40 -2.54
C ALA A 424 -1.58 -25.59 -1.73
N GLN A 425 -2.51 -26.31 -1.13
CA GLN A 425 -2.17 -27.51 -0.36
C GLN A 425 -1.39 -28.49 -1.21
N ASN A 426 -1.88 -28.79 -2.41
CA ASN A 426 -1.18 -29.74 -3.26
C ASN A 426 0.13 -29.18 -3.81
N ALA A 427 0.15 -27.91 -4.21
CA ALA A 427 1.40 -27.31 -4.69
C ALA A 427 2.47 -27.37 -3.60
N LYS A 428 2.08 -27.11 -2.36
CA LYS A 428 3.04 -27.17 -1.26
C LYS A 428 3.54 -28.59 -1.01
N GLN A 429 2.62 -29.55 -1.01
CA GLN A 429 3.06 -30.94 -0.79
C GLN A 429 3.95 -31.45 -1.93
N GLU A 430 3.65 -31.06 -3.17
CA GLU A 430 4.47 -31.46 -4.31
C GLU A 430 5.86 -30.85 -4.22
N ALA A 431 5.91 -29.61 -3.77
CA ALA A 431 7.17 -28.91 -3.60
C ALA A 431 8.03 -29.59 -2.55
N TYR A 432 7.42 -30.01 -1.44
CA TYR A 432 8.19 -30.65 -0.38
C TYR A 432 8.64 -32.05 -0.83
N TYR A 433 7.75 -32.77 -1.51
CA TYR A 433 8.07 -34.09 -2.05
C TYR A 433 9.28 -33.99 -2.98
N LEU A 434 9.22 -33.06 -3.93
CA LEU A 434 10.20 -33.02 -5.00
C LEU A 434 11.55 -32.47 -4.53
N SER A 435 11.52 -31.46 -3.67
CA SER A 435 12.75 -30.91 -3.11
C SER A 435 13.41 -32.00 -2.26
N ASN A 436 12.62 -32.74 -1.48
CA ASN A 436 13.17 -33.88 -0.75
C ASN A 436 13.75 -34.95 -1.68
N VAL A 437 13.15 -35.14 -2.85
CA VAL A 437 13.71 -36.09 -3.81
C VAL A 437 15.10 -35.62 -4.28
N PHE A 438 15.23 -34.32 -4.55
CA PHE A 438 16.52 -33.76 -4.92
C PHE A 438 17.54 -33.82 -3.79
N ASN A 439 17.11 -33.54 -2.57
CA ASN A 439 18.01 -33.56 -1.42
C ASN A 439 18.53 -34.94 -1.05
N ASN A 440 17.67 -35.95 -1.15
CA ASN A 440 17.94 -37.24 -0.50
C ASN A 440 17.87 -38.48 -1.37
N PHE A 441 17.60 -38.32 -2.65
CA PHE A 441 17.46 -39.44 -3.55
C PHE A 441 18.34 -39.26 -4.78
N ILE A 442 18.19 -38.13 -5.47
CA ILE A 442 18.98 -37.87 -6.67
C ILE A 442 20.50 -37.78 -6.36
N HIS A 443 21.31 -38.51 -7.15
CA HIS A 443 22.76 -38.66 -6.96
C HIS A 443 23.15 -39.18 -5.57
N THR A 444 22.43 -40.19 -5.13
CA THR A 444 22.71 -40.93 -3.89
C THR A 444 22.36 -42.39 -4.15
N ASN A 445 22.62 -43.27 -3.19
CA ASN A 445 22.39 -44.69 -3.43
C ASN A 445 20.90 -45.06 -3.33
N GLN A 446 20.05 -44.05 -3.18
CA GLN A 446 18.61 -44.29 -3.16
C GLN A 446 17.96 -43.80 -4.46
N LYS A 447 18.79 -43.38 -5.42
CA LYS A 447 18.28 -42.78 -6.67
C LYS A 447 17.26 -43.61 -7.44
N PHE A 448 17.17 -44.91 -7.13
CA PHE A 448 16.23 -45.80 -7.81
C PHE A 448 15.10 -46.22 -6.90
N ASN A 449 15.12 -45.73 -5.67
CA ASN A 449 14.03 -45.94 -4.71
C ASN A 449 13.12 -44.73 -4.56
N ILE A 450 13.01 -43.90 -5.60
CA ILE A 450 12.14 -42.71 -5.54
C ILE A 450 10.68 -43.12 -5.63
N PRO A 451 9.91 -42.87 -4.55
CA PRO A 451 8.47 -43.22 -4.57
C PRO A 451 7.63 -42.23 -5.40
N SER A 452 6.43 -42.65 -5.83
CA SER A 452 5.58 -41.76 -6.61
C SER A 452 4.97 -40.69 -5.69
N PHE A 453 4.49 -39.60 -6.26
CA PHE A 453 3.85 -38.58 -5.44
C PHE A 453 2.39 -38.93 -5.14
N ILE A 454 2.03 -38.96 -3.86
N ILE A 454 2.04 -38.95 -3.86
CA ILE A 454 0.64 -39.14 -3.47
CA ILE A 454 0.66 -39.13 -3.43
C ILE A 454 0.25 -38.09 -2.42
C ILE A 454 0.28 -38.05 -2.43
N GLU A 455 -0.70 -37.22 -2.77
CA GLU A 455 -1.05 -36.09 -1.91
C GLU A 455 -1.93 -36.52 -0.74
N LYS A 456 -1.97 -35.70 0.30
CA LYS A 456 -2.82 -35.95 1.45
C LYS A 456 -3.82 -34.80 1.66
N TRP A 457 -5.10 -35.13 1.63
CA TRP A 457 -6.10 -34.10 1.84
C TRP A 457 -6.17 -33.70 3.32
N LYS A 458 -6.08 -32.40 3.59
CA LYS A 458 -6.07 -31.93 4.98
C LYS A 458 -7.35 -31.20 5.35
N GLY A 459 -8.22 -31.00 4.38
CA GLY A 459 -9.45 -30.27 4.64
C GLY A 459 -9.48 -28.86 4.06
N SER A 460 -10.66 -28.25 4.13
CA SER A 460 -10.88 -26.91 3.60
C SER A 460 -11.63 -26.06 4.60
N LEU A 461 -11.40 -24.75 4.51
CA LEU A 461 -11.95 -23.77 5.43
C LEU A 461 -12.52 -22.62 4.62
N ALA A 462 -13.61 -22.03 5.10
CA ALA A 462 -14.11 -20.82 4.47
C ALA A 462 -14.77 -19.87 5.46
N TYR A 463 -14.49 -18.58 5.33
CA TYR A 463 -15.19 -17.56 6.11
C TYR A 463 -16.44 -17.10 5.34
N ILE A 464 -17.61 -17.13 6.00
CA ILE A 464 -18.85 -16.87 5.26
C ILE A 464 -19.68 -15.70 5.82
N GLY A 465 -19.04 -14.88 6.66
CA GLY A 465 -19.64 -13.63 7.10
C GLY A 465 -20.22 -13.68 8.50
N ASN A 466 -20.21 -12.52 9.14
CA ASN A 466 -20.80 -12.35 10.47
C ASN A 466 -20.27 -13.35 11.48
N HIS A 467 -18.94 -13.49 11.51
CA HIS A 467 -18.21 -14.32 12.46
C HIS A 467 -18.28 -15.81 12.15
N GLN A 468 -19.02 -16.18 11.11
CA GLN A 468 -19.23 -17.59 10.81
C GLN A 468 -18.15 -18.19 9.88
N VAL A 469 -17.50 -19.23 10.39
CA VAL A 469 -16.54 -20.00 9.63
C VAL A 469 -17.07 -21.43 9.44
N VAL A 470 -16.95 -21.96 8.22
CA VAL A 470 -17.25 -23.35 7.99
C VAL A 470 -15.98 -24.12 7.63
N ALA A 471 -15.96 -25.40 7.93
CA ALA A 471 -14.79 -26.22 7.60
C ALA A 471 -15.23 -27.63 7.26
N ASP A 472 -14.68 -28.14 6.17
CA ASP A 472 -14.93 -29.50 5.70
C ASP A 472 -13.60 -30.24 5.83
N LEU A 473 -13.46 -31.02 6.90
CA LEU A 473 -12.19 -31.67 7.24
C LEU A 473 -12.34 -33.19 7.20
N PRO A 474 -11.20 -33.91 7.19
CA PRO A 474 -11.33 -35.34 7.44
C PRO A 474 -11.94 -35.53 8.82
N TYR A 475 -13.05 -36.25 8.89
CA TYR A 475 -13.69 -36.66 10.16
C TYR A 475 -14.48 -35.57 10.89
N TYR A 476 -14.44 -34.31 10.44
CA TYR A 476 -15.21 -33.23 11.12
C TYR A 476 -15.85 -32.31 10.09
N GLU A 477 -17.02 -31.76 10.42
CA GLU A 477 -17.52 -30.55 9.73
C GLU A 477 -17.77 -29.46 10.76
N LEU A 478 -17.35 -28.24 10.43
CA LEU A 478 -17.62 -27.07 11.23
C LEU A 478 -18.65 -26.20 10.53
N LYS A 479 -19.67 -25.77 11.26
CA LYS A 479 -20.72 -24.98 10.65
C LYS A 479 -21.04 -23.73 11.47
N GLY A 480 -20.09 -22.81 11.52
CA GLY A 480 -20.27 -21.58 12.26
C GLY A 480 -20.21 -21.73 13.76
N GLY A 481 -20.78 -20.79 14.49
CA GLY A 481 -20.72 -20.80 15.94
C GLY A 481 -19.64 -19.88 16.49
N ARG A 482 -19.75 -19.58 17.78
CA ARG A 482 -18.89 -18.63 18.47
C ARG A 482 -17.40 -18.92 18.36
N PHE A 483 -17.03 -20.19 18.31
CA PHE A 483 -15.62 -20.55 18.27
C PHE A 483 -15.09 -20.87 16.87
N SER A 484 -15.94 -20.79 15.86
CA SER A 484 -15.49 -21.13 14.52
C SER A 484 -14.45 -20.13 14.02
N SER A 485 -14.59 -18.85 14.36
CA SER A 485 -13.60 -17.85 13.96
C SER A 485 -12.27 -18.07 14.68
N THR A 486 -12.33 -18.60 15.92
CA THR A 486 -11.11 -18.90 16.67
C THR A 486 -10.35 -20.03 16.01
N PHE A 487 -11.11 -21.02 15.55
CA PHE A 487 -10.56 -22.16 14.83
C PHE A 487 -9.82 -21.72 13.57
N TRP A 488 -10.46 -20.83 12.82
CA TRP A 488 -9.89 -20.30 11.60
C TRP A 488 -8.51 -19.66 11.90
N LYS A 489 -8.44 -18.84 12.95
CA LYS A 489 -7.17 -18.16 13.30
C LYS A 489 -6.08 -19.15 13.72
N VAL A 490 -6.44 -20.13 14.54
CA VAL A 490 -5.51 -21.17 14.95
C VAL A 490 -4.95 -21.91 13.74
N VAL A 491 -5.83 -22.22 12.78
CA VAL A 491 -5.35 -22.92 11.60
C VAL A 491 -4.43 -22.01 10.81
N TYR A 492 -4.92 -20.84 10.43
CA TYR A 492 -4.11 -20.01 9.54
C TYR A 492 -2.81 -19.51 10.13
N ILE A 493 -2.74 -19.25 11.44
CA ILE A 493 -1.46 -18.75 11.95
C ILE A 493 -0.36 -19.83 11.83
N GLN A 494 -0.76 -21.10 11.84
CA GLN A 494 0.22 -22.17 11.64
C GLN A 494 0.57 -22.41 10.18
N LEU A 495 -0.30 -21.99 9.26
CA LEU A 495 -0.01 -22.16 7.84
C LEU A 495 0.89 -21.03 7.28
N LEU A 496 0.90 -19.87 7.93
CA LEU A 496 1.77 -18.78 7.49
C LEU A 496 3.25 -19.23 7.52
N LEU A 497 4.07 -18.72 6.60
CA LEU A 497 5.40 -19.29 6.37
C LEU A 497 6.57 -18.55 7.05
N SER A 498 6.25 -17.55 7.89
CA SER A 498 7.29 -16.86 8.64
C SER A 498 6.72 -16.27 9.92
N TRP A 499 7.58 -16.03 10.90
CA TRP A 499 7.18 -15.35 12.13
C TRP A 499 6.77 -13.90 11.87
N LYS A 500 7.41 -13.24 10.91
CA LYS A 500 7.01 -11.90 10.50
C LYS A 500 5.51 -11.87 10.12
N SER A 501 5.10 -12.79 9.26
CA SER A 501 3.72 -12.81 8.82
C SER A 501 2.77 -13.13 9.98
N ARG A 502 3.20 -13.99 10.87
CA ARG A 502 2.38 -14.36 12.04
C ARG A 502 2.22 -13.17 12.97
N PHE A 503 3.31 -12.42 13.12
CA PHE A 503 3.30 -11.17 13.88
C PHE A 503 2.22 -10.25 13.32
N HIS A 504 2.27 -10.01 12.02
CA HIS A 504 1.28 -9.14 11.37
C HIS A 504 -0.15 -9.68 11.44
N PHE A 505 -0.28 -11.00 11.30
CA PHE A 505 -1.58 -11.67 11.41
C PHE A 505 -2.25 -11.30 12.76
N PHE A 506 -1.48 -11.43 13.83
CA PHE A 506 -1.99 -11.13 15.15
C PHE A 506 -2.29 -9.63 15.31
N ILE A 507 -1.36 -8.79 14.88
CA ILE A 507 -1.50 -7.34 15.02
C ILE A 507 -2.72 -6.82 14.25
N ASP A 508 -2.90 -7.33 13.04
CA ASP A 508 -4.02 -6.91 12.21
C ASP A 508 -5.37 -7.19 12.88
N PHE A 509 -5.49 -8.32 13.57
CA PHE A 509 -6.76 -8.60 14.25
C PHE A 509 -6.95 -7.68 15.45
N ILE A 510 -5.88 -7.43 16.21
CA ILE A 510 -5.95 -6.40 17.25
C ILE A 510 -6.34 -5.04 16.65
N LYS A 511 -5.68 -4.66 15.56
CA LYS A 511 -5.91 -3.37 14.93
C LYS A 511 -7.36 -3.21 14.50
N THR A 512 -7.87 -4.23 13.84
CA THR A 512 -9.22 -4.23 13.30
C THR A 512 -10.25 -4.20 14.44
N LYS A 513 -9.99 -4.94 15.52
CA LYS A 513 -10.91 -4.90 16.65
C LYS A 513 -10.98 -3.53 17.34
N TRP A 514 -9.83 -2.89 17.53
CA TRP A 514 -9.77 -1.64 18.28
C TRP A 514 -10.08 -0.41 17.45
N TYR A 515 -9.64 -0.38 16.19
CA TYR A 515 -9.74 0.84 15.39
C TYR A 515 -10.54 0.66 14.12
N GLY A 516 -10.92 -0.58 13.79
CA GLY A 516 -11.69 -0.86 12.58
C GLY A 516 -10.84 -0.95 11.32
N ARG A 517 -11.44 -1.39 10.22
CA ARG A 517 -10.74 -1.45 8.95
C ARG A 517 -10.46 -0.05 8.38
N PRO A 518 -9.33 0.11 7.68
CA PRO A 518 -8.91 1.42 7.17
C PRO A 518 -9.67 1.83 5.90
N PHE A 519 -9.80 3.14 5.70
CA PHE A 519 -10.39 3.69 4.50
C PHE A 519 -9.34 4.35 3.60
N ILE A 520 -8.07 4.35 4.03
CA ILE A 520 -7.02 5.00 3.25
C ILE A 520 -6.82 4.29 1.91
N LYS A 521 -6.85 5.07 0.85
CA LYS A 521 -6.64 4.58 -0.51
C LYS A 521 -5.97 5.67 -1.37
N ARG B 27 -30.89 25.50 10.53
CA ARG B 27 -30.49 26.76 9.89
C ARG B 27 -29.24 27.35 10.54
N LYS B 28 -28.37 26.47 11.04
CA LYS B 28 -27.09 26.86 11.64
C LYS B 28 -26.21 27.59 10.61
N GLU B 29 -25.31 28.45 11.06
CA GLU B 29 -24.40 29.08 10.11
C GLU B 29 -23.43 28.06 9.53
N LYS B 30 -23.19 28.19 8.22
CA LYS B 30 -22.40 27.24 7.45
C LYS B 30 -20.91 27.65 7.34
N ILE B 31 -20.02 26.80 7.83
CA ILE B 31 -18.58 26.94 7.60
C ILE B 31 -18.09 25.89 6.62
N ILE B 32 -17.51 26.36 5.51
CA ILE B 32 -16.83 25.46 4.62
C ILE B 32 -15.32 25.56 4.88
N ILE B 33 -14.68 24.41 5.13
CA ILE B 33 -13.23 24.32 5.25
C ILE B 33 -12.64 23.79 3.94
N LEU B 34 -11.70 24.52 3.35
CA LEU B 34 -11.04 24.02 2.18
C LEU B 34 -9.72 23.42 2.59
N GLY B 35 -9.56 22.12 2.39
CA GLY B 35 -8.29 21.45 2.64
C GLY B 35 -8.37 20.47 3.79
N SER B 36 -7.75 19.31 3.61
CA SER B 36 -7.73 18.32 4.68
C SER B 36 -6.32 18.15 5.26
N GLY B 37 -5.58 19.26 5.35
CA GLY B 37 -4.20 19.17 5.79
C GLY B 37 -4.04 19.69 7.20
N TRP B 38 -2.83 20.14 7.54
CA TRP B 38 -2.56 20.56 8.91
C TRP B 38 -3.50 21.66 9.38
N GLY B 39 -3.80 22.60 8.50
CA GLY B 39 -4.74 23.64 8.87
C GLY B 39 -6.18 23.14 8.91
N GLY B 40 -6.63 22.60 7.79
CA GLY B 40 -8.02 22.20 7.63
C GLY B 40 -8.44 21.13 8.63
N PHE B 41 -7.65 20.07 8.74
CA PHE B 41 -7.95 18.96 9.62
C PHE B 41 -7.95 19.39 11.08
N ASN B 42 -6.95 20.17 11.51
CA ASN B 42 -6.97 20.58 12.90
C ASN B 42 -8.11 21.56 13.21
N PHE B 43 -8.53 22.33 12.22
CA PHE B 43 -9.70 23.18 12.43
C PHE B 43 -10.93 22.30 12.70
N LEU B 44 -11.10 21.28 11.86
CA LEU B 44 -12.17 20.30 11.98
C LEU B 44 -12.18 19.62 13.35
N LEU B 45 -10.99 19.26 13.84
CA LEU B 45 -10.86 18.59 15.11
C LEU B 45 -11.38 19.43 16.27
N ASN B 46 -11.34 20.76 16.14
CA ASN B 46 -11.68 21.62 17.29
C ASN B 46 -12.97 22.43 17.14
N ILE B 47 -13.48 22.55 15.92
CA ILE B 47 -14.65 23.38 15.70
C ILE B 47 -15.90 22.68 16.28
N ASP B 48 -16.73 23.45 16.96
CA ASP B 48 -17.92 22.92 17.61
C ASP B 48 -19.00 22.58 16.57
N PHE B 49 -19.25 21.30 16.35
CA PHE B 49 -20.26 20.86 15.39
C PHE B 49 -21.68 21.20 15.87
N LYS B 50 -21.85 21.43 17.16
CA LYS B 50 -23.15 21.86 17.68
C LYS B 50 -23.47 23.31 17.27
N LYS B 51 -22.48 24.18 17.31
CA LYS B 51 -22.70 25.61 17.04
C LYS B 51 -22.75 25.91 15.55
N TYR B 52 -22.05 25.11 14.76
CA TYR B 52 -21.97 25.39 13.34
C TYR B 52 -22.27 24.19 12.48
N ASP B 53 -22.64 24.45 11.23
CA ASP B 53 -22.76 23.41 10.23
C ASP B 53 -21.50 23.36 9.37
N VAL B 54 -20.66 22.37 9.64
CA VAL B 54 -19.32 22.37 9.06
C VAL B 54 -19.15 21.33 7.97
N THR B 55 -18.68 21.79 6.81
CA THR B 55 -18.31 20.89 5.73
C THR B 55 -16.85 21.10 5.34
N LEU B 56 -16.07 20.03 5.34
CA LEU B 56 -14.71 20.09 4.84
C LEU B 56 -14.68 19.59 3.41
N ILE B 57 -14.01 20.35 2.56
CA ILE B 57 -13.90 20.04 1.15
C ILE B 57 -12.45 19.92 0.77
N SER B 58 -12.10 18.78 0.19
CA SER B 58 -10.72 18.50 -0.23
C SER B 58 -10.70 17.35 -1.21
N PRO B 59 -9.79 17.38 -2.20
CA PRO B 59 -9.73 16.22 -3.10
C PRO B 59 -9.09 15.01 -2.41
N ARG B 60 -8.53 15.23 -1.23
CA ARG B 60 -7.84 14.19 -0.45
C ARG B 60 -8.70 13.84 0.75
N ASN B 61 -9.16 12.60 0.85
CA ASN B 61 -10.09 12.27 1.92
C ASN B 61 -9.37 11.75 3.16
N TYR B 62 -8.07 12.01 3.24
CA TYR B 62 -7.29 11.71 4.43
C TYR B 62 -6.39 12.91 4.77
N PHE B 63 -5.99 13.01 6.03
CA PHE B 63 -4.97 13.97 6.47
C PHE B 63 -3.61 13.31 6.39
N THR B 64 -2.60 14.04 5.96
CA THR B 64 -1.24 13.49 5.90
C THR B 64 -0.35 14.08 6.99
N PHE B 65 0.19 13.23 7.86
CA PHE B 65 1.14 13.63 8.87
C PHE B 65 2.51 13.84 8.21
N THR B 66 2.69 14.99 7.55
CA THR B 66 3.85 15.25 6.70
C THR B 66 5.26 15.07 7.32
N PRO B 67 5.45 15.41 8.61
CA PRO B 67 6.83 15.24 9.10
C PRO B 67 7.40 13.83 9.01
N LEU B 68 6.54 12.83 8.88
CA LEU B 68 7.02 11.45 8.88
C LEU B 68 7.13 10.87 7.49
N LEU B 69 6.85 11.69 6.48
CA LEU B 69 6.96 11.24 5.10
C LEU B 69 8.35 10.66 4.71
N PRO B 70 9.46 11.26 5.22
CA PRO B 70 10.75 10.65 4.87
C PRO B 70 10.89 9.20 5.34
N CYS B 71 10.29 8.90 6.50
CA CYS B 71 10.30 7.51 7.02
C CYS B 71 9.58 6.54 6.09
N LEU B 72 8.62 7.06 5.34
CA LEU B 72 7.86 6.25 4.41
C LEU B 72 8.70 5.88 3.19
N CYS B 73 9.57 6.79 2.75
CA CYS B 73 10.47 6.52 1.62
C CYS B 73 11.35 5.28 1.81
N SER B 74 11.75 5.01 3.05
CA SER B 74 12.68 3.91 3.30
C SER B 74 11.93 2.71 3.83
N GLY B 75 10.69 2.93 4.26
CA GLY B 75 9.89 1.88 4.86
C GLY B 75 10.08 1.72 6.35
N THR B 76 10.71 2.71 6.98
CA THR B 76 10.88 2.74 8.43
C THR B 76 9.52 2.82 9.17
N LEU B 77 8.58 3.57 8.61
CA LEU B 77 7.23 3.62 9.14
C LEU B 77 6.24 3.35 8.00
N SER B 78 5.01 2.95 8.33
CA SER B 78 4.04 2.63 7.29
C SER B 78 2.97 3.71 7.13
N VAL B 79 2.14 3.55 6.10
CA VAL B 79 1.11 4.53 5.81
C VAL B 79 0.11 4.72 6.97
N ASN B 80 -0.14 3.67 7.75
CA ASN B 80 -1.10 3.79 8.86
C ASN B 80 -0.64 4.79 9.93
N VAL B 81 0.67 4.99 10.05
CA VAL B 81 1.22 5.97 11.01
C VAL B 81 1.06 7.38 10.47
N CYS B 82 1.09 7.52 9.14
CA CYS B 82 1.21 8.84 8.52
C CYS B 82 -0.10 9.45 8.00
N THR B 83 -1.22 8.78 8.23
CA THR B 83 -2.49 9.28 7.70
C THR B 83 -3.60 9.19 8.73
N GLU B 84 -4.64 10.00 8.51
CA GLU B 84 -5.90 9.87 9.23
C GLU B 84 -7.04 10.02 8.21
N SER B 85 -8.01 9.12 8.23
CA SER B 85 -9.20 9.30 7.39
C SER B 85 -10.14 10.38 7.95
N ILE B 86 -10.50 11.35 7.13
CA ILE B 86 -11.33 12.46 7.58
C ILE B 86 -12.65 12.02 8.20
N ARG B 87 -13.32 11.05 7.57
CA ARG B 87 -14.65 10.64 8.05
C ARG B 87 -14.65 10.04 9.45
N ASN B 88 -13.49 9.57 9.92
CA ASN B 88 -13.37 9.07 11.29
C ASN B 88 -13.52 10.14 12.35
N PHE B 89 -13.49 11.40 11.95
CA PHE B 89 -13.50 12.51 12.91
C PHE B 89 -14.69 13.44 12.67
N LEU B 90 -15.70 12.94 11.98
CA LEU B 90 -16.86 13.77 11.66
C LEU B 90 -17.96 13.63 12.71
N ARG B 91 -17.85 12.65 13.59
CA ARG B 91 -18.93 12.40 14.56
C ARG B 91 -18.39 12.60 15.98
N LYS B 92 -18.61 13.77 16.56
CA LYS B 92 -18.07 14.07 17.88
C LYS B 92 -18.98 13.56 18.99
N LYS B 93 -18.42 13.50 20.19
CA LYS B 93 -19.00 12.83 21.36
C LYS B 93 -20.38 13.33 21.80
N ASN B 94 -20.63 14.58 21.51
CA ASN B 94 -21.85 15.30 21.88
C ASN B 94 -23.06 14.87 21.06
N GLY B 95 -22.80 14.22 19.91
CA GLY B 95 -23.85 13.81 18.99
C GLY B 95 -24.04 14.64 17.72
N TYR B 96 -23.31 15.74 17.62
CA TYR B 96 -23.41 16.60 16.45
C TYR B 96 -22.29 16.25 15.48
N CYS B 97 -22.55 16.42 14.18
CA CYS B 97 -21.66 15.90 13.16
C CYS B 97 -21.23 16.95 12.17
N GLY B 98 -20.07 16.73 11.57
CA GLY B 98 -19.64 17.52 10.44
C GLY B 98 -19.80 16.70 9.17
N ASN B 99 -19.51 17.33 8.04
CA ASN B 99 -19.59 16.68 6.74
C ASN B 99 -18.29 16.80 5.97
N TYR B 100 -18.10 15.89 5.02
CA TYR B 100 -16.94 15.93 4.15
C TYR B 100 -17.33 15.64 2.71
N LEU B 101 -16.74 16.38 1.78
CA LEU B 101 -17.00 16.17 0.37
C LEU B 101 -15.70 16.06 -0.38
N GLN B 102 -15.58 15.02 -1.21
CA GLN B 102 -14.35 14.87 -1.98
C GLN B 102 -14.43 15.69 -3.26
N LEU B 103 -14.04 16.95 -3.15
CA LEU B 103 -14.11 17.88 -4.26
C LEU B 103 -12.87 18.77 -4.22
N GLU B 104 -12.48 19.28 -5.39
CA GLU B 104 -11.45 20.29 -5.53
C GLU B 104 -12.11 21.66 -5.77
N CYS B 105 -11.79 22.66 -4.94
CA CYS B 105 -12.32 24.01 -5.18
C CYS B 105 -11.56 24.68 -6.33
N THR B 106 -12.31 25.29 -7.26
CA THR B 106 -11.69 25.91 -8.44
C THR B 106 -11.87 27.42 -8.44
N ASP B 107 -12.92 27.91 -7.79
CA ASP B 107 -13.20 29.34 -7.79
C ASP B 107 -13.90 29.74 -6.52
N VAL B 108 -13.59 30.94 -6.04
CA VAL B 108 -14.32 31.54 -4.94
C VAL B 108 -15.05 32.81 -5.42
N PHE B 109 -16.30 32.97 -5.02
CA PHE B 109 -17.07 34.17 -5.37
C PHE B 109 -17.48 34.89 -4.11
N TYR B 110 -16.61 35.76 -3.63
CA TYR B 110 -16.79 36.32 -2.30
C TYR B 110 -18.01 37.24 -2.20
N GLU B 111 -18.40 37.83 -3.33
CA GLU B 111 -19.55 38.73 -3.29
C GLU B 111 -20.85 37.95 -3.08
N ASP B 112 -21.01 36.81 -3.75
CA ASP B 112 -22.21 36.01 -3.59
C ASP B 112 -22.09 34.86 -2.56
N LYS B 113 -20.93 34.76 -1.92
CA LYS B 113 -20.69 33.80 -0.84
C LYS B 113 -20.94 32.35 -1.25
N TYR B 114 -20.41 31.97 -2.40
CA TYR B 114 -20.38 30.58 -2.78
C TYR B 114 -19.07 30.22 -3.44
N ILE B 115 -18.84 28.93 -3.58
CA ILE B 115 -17.65 28.45 -4.27
C ILE B 115 -18.08 27.52 -5.40
N ASN B 116 -17.25 27.43 -6.42
CA ASN B 116 -17.35 26.39 -7.42
C ASN B 116 -16.32 25.29 -7.20
N CYS B 117 -16.76 24.04 -7.23
CA CYS B 117 -15.86 22.90 -7.12
C CYS B 117 -16.02 21.98 -8.31
N ILE B 118 -15.06 21.08 -8.49
CA ILE B 118 -15.24 19.97 -9.41
C ILE B 118 -14.97 18.64 -8.69
N ASP B 119 -15.63 17.58 -9.14
CA ASP B 119 -15.33 16.24 -8.65
C ASP B 119 -14.28 15.61 -9.53
N ILE B 120 -13.95 14.36 -9.25
CA ILE B 120 -12.87 13.67 -9.94
C ILE B 120 -13.18 13.48 -11.44
N GLU B 121 -14.45 13.64 -11.81
CA GLU B 121 -14.87 13.51 -13.20
C GLU B 121 -15.13 14.85 -13.89
N ASN B 122 -14.64 15.92 -13.26
CA ASN B 122 -14.77 17.28 -13.76
C ASN B 122 -16.19 17.80 -13.77
N ASN B 123 -17.09 17.12 -13.08
CA ASN B 123 -18.43 17.66 -12.88
C ASN B 123 -18.39 18.84 -11.91
N LYS B 124 -19.07 19.92 -12.29
CA LYS B 124 -19.06 21.14 -11.48
C LYS B 124 -20.09 21.07 -10.35
N VAL B 125 -19.67 21.56 -9.19
CA VAL B 125 -20.51 21.62 -8.00
C VAL B 125 -20.47 23.01 -7.40
N LYS B 126 -21.64 23.55 -7.07
CA LYS B 126 -21.74 24.88 -6.51
C LYS B 126 -22.19 24.78 -5.06
N LEU B 127 -21.51 25.50 -4.17
CA LEU B 127 -21.77 25.38 -2.74
C LEU B 127 -21.77 26.74 -2.05
N PHE B 128 -22.79 27.01 -1.24
CA PHE B 128 -22.88 28.27 -0.53
C PHE B 128 -22.31 28.17 0.87
N TYR B 129 -21.82 29.28 1.42
CA TYR B 129 -21.25 29.28 2.76
C TYR B 129 -21.61 30.56 3.51
N ASP B 130 -21.58 30.49 4.84
CA ASP B 130 -21.59 31.70 5.67
C ASP B 130 -20.14 32.14 6.02
N TYR B 131 -19.28 31.17 6.27
CA TYR B 131 -17.85 31.43 6.46
C TYR B 131 -17.01 30.46 5.66
N LEU B 132 -15.89 30.93 5.13
CA LEU B 132 -14.99 30.11 4.36
C LEU B 132 -13.60 30.12 5.00
N ILE B 133 -13.08 28.94 5.32
CA ILE B 133 -11.72 28.79 5.85
C ILE B 133 -10.81 28.21 4.77
N ILE B 134 -9.97 29.06 4.18
CA ILE B 134 -9.10 28.59 3.10
C ILE B 134 -7.80 28.01 3.68
N ALA B 135 -7.60 26.71 3.48
CA ALA B 135 -6.43 26.02 4.01
C ALA B 135 -5.90 25.04 2.95
N VAL B 136 -5.68 25.54 1.75
CA VAL B 136 -5.36 24.68 0.61
C VAL B 136 -3.87 24.41 0.44
N GLY B 137 -3.07 24.93 1.36
CA GLY B 137 -1.64 24.67 1.35
C GLY B 137 -0.96 25.26 0.11
N ALA B 138 0.10 24.59 -0.33
CA ALA B 138 0.89 25.02 -1.48
C ALA B 138 1.20 23.79 -2.34
N LYS B 139 1.88 24.01 -3.47
CA LYS B 139 2.24 22.87 -4.31
C LYS B 139 3.74 22.89 -4.57
N THR B 140 4.24 21.85 -5.24
CA THR B 140 5.67 21.73 -5.49
C THR B 140 6.13 22.78 -6.49
N ASN B 141 7.35 23.29 -6.31
CA ASN B 141 7.92 24.29 -7.20
C ASN B 141 9.21 23.82 -7.84
N THR B 142 9.22 23.78 -9.17
CA THR B 142 10.38 23.32 -9.93
C THR B 142 11.34 24.44 -10.32
N PHE B 143 10.96 25.67 -9.98
CA PHE B 143 11.70 26.86 -10.41
C PHE B 143 11.86 26.93 -11.94
N ASN B 144 10.98 26.24 -12.66
CA ASN B 144 11.04 26.17 -14.13
C ASN B 144 12.35 25.62 -14.65
N ILE B 145 13.09 24.90 -13.80
CA ILE B 145 14.32 24.24 -14.22
C ILE B 145 13.94 23.11 -15.15
N ASN B 146 14.53 23.14 -16.34
CA ASN B 146 14.23 22.21 -17.41
C ASN B 146 14.40 20.77 -16.92
N GLY B 147 13.37 19.95 -17.09
CA GLY B 147 13.47 18.52 -16.82
C GLY B 147 13.06 18.07 -15.42
N VAL B 148 12.90 19.03 -14.50
CA VAL B 148 12.60 18.66 -13.13
C VAL B 148 11.21 18.01 -13.03
N ASP B 149 10.22 18.59 -13.67
CA ASP B 149 8.88 18.01 -13.60
C ASP B 149 8.80 16.68 -14.36
N LYS B 150 9.58 16.56 -15.43
CA LYS B 150 9.61 15.34 -16.20
C LYS B 150 10.29 14.20 -15.47
N TYR B 151 11.42 14.48 -14.82
CA TYR B 151 12.27 13.39 -14.38
C TYR B 151 12.44 13.23 -12.86
N ALA B 152 12.19 14.29 -12.09
CA ALA B 152 12.45 14.23 -10.66
C ALA B 152 11.23 13.71 -9.89
N TYR B 153 11.49 13.10 -8.73
CA TYR B 153 10.45 12.69 -7.80
C TYR B 153 10.29 13.73 -6.68
N PHE B 154 9.08 14.24 -6.48
CA PHE B 154 8.83 15.18 -5.39
C PHE B 154 8.57 14.43 -4.09
N VAL B 155 8.61 15.13 -2.95
CA VAL B 155 8.35 14.52 -1.66
C VAL B 155 7.34 15.35 -0.91
N LYS B 156 6.10 15.35 -1.39
CA LYS B 156 5.14 16.28 -0.82
C LYS B 156 3.98 15.58 -0.12
N ASP B 157 3.69 14.34 -0.54
CA ASP B 157 2.55 13.63 0.03
C ASP B 157 2.79 12.11 0.04
N ILE B 158 1.84 11.38 0.58
CA ILE B 158 1.98 9.93 0.72
C ILE B 158 2.37 9.26 -0.60
N ASP B 159 1.64 9.57 -1.67
CA ASP B 159 1.87 8.92 -2.96
C ASP B 159 3.31 9.19 -3.46
N ASP B 160 3.79 10.41 -3.25
CA ASP B 160 5.15 10.78 -3.62
C ASP B 160 6.18 9.88 -2.94
N ALA B 161 6.05 9.71 -1.63
CA ALA B 161 7.04 8.95 -0.87
C ALA B 161 7.05 7.50 -1.31
N LEU B 162 5.85 6.96 -1.59
CA LEU B 162 5.74 5.57 -1.99
C LEU B 162 6.29 5.33 -3.42
N LYS B 163 6.13 6.30 -4.30
CA LYS B 163 6.69 6.16 -5.64
C LYS B 163 8.20 6.21 -5.59
N ILE B 164 8.74 7.04 -4.70
CA ILE B 164 10.18 7.09 -4.46
C ILE B 164 10.69 5.76 -3.96
N ARG B 165 10.05 5.22 -2.93
CA ARG B 165 10.41 3.91 -2.40
C ARG B 165 10.34 2.86 -3.49
N LYS B 166 9.25 2.84 -4.24
CA LYS B 166 9.07 1.80 -5.27
C LYS B 166 10.16 1.91 -6.37
N LYS B 167 10.48 3.14 -6.79
CA LYS B 167 11.49 3.34 -7.82
C LYS B 167 12.84 2.79 -7.36
N PHE B 168 13.23 3.11 -6.13
CA PHE B 168 14.49 2.61 -5.61
C PHE B 168 14.52 1.07 -5.56
N LEU B 169 13.41 0.48 -5.12
CA LEU B 169 13.33 -0.98 -5.05
C LEU B 169 13.41 -1.58 -6.45
N ASP B 170 12.77 -0.92 -7.42
CA ASP B 170 12.80 -1.38 -8.81
C ASP B 170 14.24 -1.37 -9.37
N ILE B 171 15.01 -0.35 -9.00
CA ILE B 171 16.36 -0.20 -9.53
C ILE B 171 17.25 -1.30 -8.97
N LEU B 172 17.07 -1.62 -7.69
CA LEU B 172 17.84 -2.70 -7.08
C LEU B 172 17.63 -4.02 -7.83
N GLU B 173 16.37 -4.32 -8.16
CA GLU B 173 16.10 -5.57 -8.88
C GLU B 173 16.68 -5.53 -10.28
N LYS B 174 16.54 -4.39 -10.95
CA LYS B 174 17.05 -4.24 -12.31
C LYS B 174 18.57 -4.47 -12.38
N CYS B 175 19.29 -3.97 -11.38
CA CYS B 175 20.75 -4.08 -11.35
C CYS B 175 21.28 -5.43 -10.88
N THR B 176 20.39 -6.33 -10.51
CA THR B 176 20.80 -7.67 -10.12
C THR B 176 20.76 -8.61 -11.37
N LEU B 177 20.19 -8.12 -12.46
CA LEU B 177 20.14 -8.88 -13.72
C LEU B 177 21.52 -9.00 -14.37
N PRO B 178 21.76 -10.09 -15.12
CA PRO B 178 23.10 -10.33 -15.68
C PRO B 178 23.42 -9.47 -16.91
N ASN B 179 22.38 -8.85 -17.46
CA ASN B 179 22.51 -8.10 -18.68
C ASN B 179 22.96 -6.63 -18.51
N ILE B 180 23.67 -6.31 -17.42
CA ILE B 180 24.17 -4.93 -17.23
C ILE B 180 25.58 -4.88 -16.63
N SER B 181 26.35 -3.90 -17.11
CA SER B 181 27.76 -3.74 -16.69
C SER B 181 27.88 -3.01 -15.35
N ASN B 182 29.06 -3.14 -14.74
CA ASN B 182 29.34 -2.47 -13.49
C ASN B 182 29.26 -0.94 -13.62
N GLU B 183 29.70 -0.42 -14.76
CA GLU B 183 29.63 1.00 -15.02
C GLU B 183 28.19 1.50 -15.08
N GLU B 184 27.35 0.72 -15.72
CA GLU B 184 25.95 1.10 -15.85
C GLU B 184 25.26 1.00 -14.48
N LYS B 185 25.69 0.06 -13.65
CA LYS B 185 25.15 -0.10 -12.31
C LYS B 185 25.45 1.11 -11.44
N LYS B 186 26.70 1.58 -11.48
CA LYS B 186 27.11 2.73 -10.69
C LYS B 186 26.28 3.95 -11.05
N LYS B 187 25.93 4.08 -12.32
CA LYS B 187 25.10 5.20 -12.75
C LYS B 187 23.67 5.05 -12.25
N MET B 188 23.12 3.85 -12.39
CA MET B 188 21.72 3.61 -12.01
C MET B 188 21.52 3.61 -10.51
N LEU B 189 22.53 3.21 -9.76
CA LEU B 189 22.37 3.12 -8.32
C LEU B 189 22.85 4.39 -7.61
N HIS B 190 22.89 5.50 -8.33
CA HIS B 190 23.22 6.77 -7.70
C HIS B 190 21.94 7.51 -7.38
N VAL B 191 21.68 7.71 -6.10
CA VAL B 191 20.50 8.45 -5.67
C VAL B 191 20.95 9.87 -5.31
N ALA B 192 20.28 10.86 -5.88
CA ALA B 192 20.60 12.26 -5.63
C ALA B 192 19.40 12.94 -5.03
N VAL B 193 19.62 13.65 -3.93
CA VAL B 193 18.55 14.35 -3.27
C VAL B 193 18.85 15.84 -3.35
N VAL B 194 17.91 16.60 -3.89
CA VAL B 194 18.13 18.03 -4.08
C VAL B 194 17.44 18.83 -2.98
N GLY B 195 18.24 19.44 -2.12
CA GLY B 195 17.71 20.26 -1.05
C GLY B 195 18.30 19.87 0.29
N GLY B 196 18.96 20.82 0.96
CA GLY B 196 19.65 20.55 2.21
C GLY B 196 18.89 20.90 3.47
N GLY B 197 17.61 21.22 3.32
CA GLY B 197 16.71 21.47 4.44
C GLY B 197 16.33 20.15 5.08
N PRO B 198 15.45 20.19 6.09
CA PRO B 198 15.13 19.00 6.88
C PRO B 198 14.60 17.83 6.03
N THR B 199 13.73 18.08 5.06
CA THR B 199 13.19 16.98 4.25
C THR B 199 14.28 16.27 3.44
N GLY B 200 15.06 17.04 2.69
CA GLY B 200 16.17 16.49 1.93
C GLY B 200 17.15 15.72 2.81
N VAL B 201 17.47 16.30 3.95
CA VAL B 201 18.39 15.65 4.88
C VAL B 201 17.81 14.34 5.41
N GLU B 202 16.54 14.35 5.81
CA GLU B 202 15.94 13.16 6.40
C GLU B 202 15.72 12.06 5.36
N VAL B 203 15.32 12.45 4.16
CA VAL B 203 15.20 11.47 3.08
C VAL B 203 16.54 10.82 2.80
N THR B 204 17.60 11.62 2.76
CA THR B 204 18.95 11.08 2.55
C THR B 204 19.36 10.12 3.67
N ALA B 205 19.13 10.53 4.92
CA ALA B 205 19.51 9.73 6.08
C ALA B 205 18.79 8.37 6.08
N GLU B 206 17.50 8.41 5.73
CA GLU B 206 16.68 7.20 5.72
C GLU B 206 17.14 6.22 4.65
N PHE B 207 17.44 6.72 3.45
CA PHE B 207 18.01 5.86 2.43
C PHE B 207 19.38 5.32 2.84
N ALA B 208 20.21 6.14 3.49
CA ALA B 208 21.53 5.65 3.90
C ALA B 208 21.40 4.49 4.88
N ASP B 209 20.47 4.59 5.84
CA ASP B 209 20.22 3.50 6.79
C ASP B 209 19.71 2.24 6.08
N PHE B 210 18.70 2.42 5.24
CA PHE B 210 18.14 1.32 4.45
C PHE B 210 19.26 0.63 3.64
N ILE B 211 20.02 1.42 2.89
CA ILE B 211 21.14 0.91 2.10
C ILE B 211 22.16 0.16 2.96
N ASN B 212 22.51 0.73 4.09
CA ASN B 212 23.49 0.12 4.98
C ASN B 212 23.00 -1.10 5.75
N LYS B 213 21.68 -1.28 5.85
CA LYS B 213 21.17 -2.41 6.61
C LYS B 213 20.51 -3.47 5.71
N GLU B 214 19.22 -3.32 5.42
CA GLU B 214 18.49 -4.34 4.69
C GLU B 214 18.99 -4.56 3.27
N VAL B 215 19.35 -3.47 2.59
CA VAL B 215 19.79 -3.56 1.21
C VAL B 215 21.12 -4.28 1.16
N LYS B 216 22.02 -3.92 2.06
CA LYS B 216 23.34 -4.54 2.12
C LYS B 216 23.21 -6.06 2.32
N ILE B 217 22.26 -6.47 3.15
CA ILE B 217 22.02 -7.88 3.42
C ILE B 217 21.38 -8.61 2.23
N ASN B 218 20.34 -8.03 1.63
CA ASN B 218 19.61 -8.70 0.55
C ASN B 218 20.16 -8.52 -0.86
N TYR B 219 21.01 -7.52 -1.06
CA TYR B 219 21.58 -7.26 -2.38
C TYR B 219 23.08 -7.09 -2.27
N LYS B 220 23.72 -8.04 -1.60
CA LYS B 220 25.16 -7.89 -1.28
C LYS B 220 26.04 -7.65 -2.52
N ASP B 221 25.68 -8.27 -3.63
CA ASP B 221 26.50 -8.18 -4.85
C ASP B 221 26.51 -6.81 -5.52
N ILE B 222 25.55 -5.95 -5.21
CA ILE B 222 25.53 -4.63 -5.84
C ILE B 222 25.67 -3.51 -4.82
N PHE B 223 25.80 -3.87 -3.54
CA PHE B 223 25.87 -2.89 -2.47
C PHE B 223 26.94 -1.84 -2.75
N ASN B 224 28.10 -2.31 -3.17
CA ASN B 224 29.27 -1.46 -3.36
C ASN B 224 29.10 -0.47 -4.51
N PHE B 225 28.12 -0.68 -5.38
CA PHE B 225 27.88 0.28 -6.46
C PHE B 225 26.91 1.40 -6.13
N ILE B 226 26.28 1.31 -4.97
CA ILE B 226 25.25 2.29 -4.57
C ILE B 226 25.89 3.55 -4.00
N SER B 227 25.41 4.71 -4.43
CA SER B 227 25.84 5.95 -3.82
C SER B 227 24.67 6.91 -3.62
N ILE B 228 24.85 7.85 -2.71
CA ILE B 228 23.89 8.90 -2.46
C ILE B 228 24.58 10.25 -2.40
N SER B 229 23.99 11.25 -3.05
CA SER B 229 24.51 12.61 -2.96
C SER B 229 23.39 13.50 -2.48
N ILE B 230 23.72 14.50 -1.65
CA ILE B 230 22.73 15.53 -1.35
C ILE B 230 23.26 16.87 -1.87
N ILE B 231 22.39 17.62 -2.54
CA ILE B 231 22.77 18.86 -3.21
C ILE B 231 22.08 20.06 -2.57
N GLU B 232 22.87 21.06 -2.19
CA GLU B 232 22.34 22.21 -1.46
C GLU B 232 23.08 23.50 -1.87
N GLY B 233 22.34 24.53 -2.22
CA GLY B 233 22.92 25.80 -2.69
C GLY B 233 23.83 26.51 -1.70
N GLY B 234 23.45 26.50 -0.42
CA GLY B 234 24.23 27.16 0.62
C GLY B 234 25.31 26.25 1.18
N ASN B 235 26.11 26.78 2.11
CA ASN B 235 27.18 26.00 2.71
C ASN B 235 26.73 24.97 3.75
N ASN B 236 25.52 25.13 4.27
CA ASN B 236 25.09 24.31 5.41
C ASN B 236 23.92 23.36 5.11
N LEU B 237 24.07 22.09 5.51
CA LEU B 237 22.87 21.26 5.64
C LEU B 237 22.11 21.77 6.88
N LEU B 238 20.79 21.65 6.87
CA LEU B 238 19.95 22.16 7.96
C LEU B 238 20.30 23.61 8.31
N PRO B 239 20.19 24.53 7.34
CA PRO B 239 20.64 25.90 7.58
C PRO B 239 19.78 26.65 8.60
N THR B 240 18.53 26.24 8.82
CA THR B 240 17.70 26.93 9.79
C THR B 240 17.91 26.44 11.23
N PHE B 241 18.75 25.42 11.39
CA PHE B 241 19.14 24.92 12.71
C PHE B 241 20.41 25.68 13.12
N THR B 242 21.03 25.30 14.23
CA THR B 242 22.28 25.95 14.65
C THR B 242 23.50 25.50 13.84
N GLN B 243 24.56 26.31 13.88
CA GLN B 243 25.76 26.01 13.12
C GLN B 243 26.38 24.72 13.62
N ASN B 244 26.34 24.48 14.92
CA ASN B 244 26.86 23.23 15.46
C ASN B 244 26.08 22.02 14.96
N ILE B 245 24.76 22.17 14.83
CA ILE B 245 23.95 21.09 14.27
C ILE B 245 24.26 20.86 12.79
N SER B 246 24.40 21.94 12.02
CA SER B 246 24.81 21.81 10.61
C SER B 246 26.15 21.10 10.44
N ASP B 247 27.13 21.44 11.28
CA ASP B 247 28.46 20.83 11.17
C ASP B 247 28.37 19.36 11.51
N PHE B 248 27.65 19.04 12.59
CA PHE B 248 27.46 17.65 13.01
C PHE B 248 26.74 16.82 11.95
N THR B 249 25.76 17.43 11.28
CA THR B 249 25.02 16.74 10.23
C THR B 249 25.94 16.42 9.04
N LYS B 250 26.72 17.40 8.57
CA LYS B 250 27.65 17.14 7.48
C LYS B 250 28.70 16.10 7.89
N GLU B 251 29.17 16.15 9.14
CA GLU B 251 30.11 15.13 9.62
C GLU B 251 29.49 13.74 9.64
N ASN B 252 28.24 13.66 10.09
CA ASN B 252 27.57 12.35 10.12
C ASN B 252 27.41 11.82 8.69
N PHE B 253 27.05 12.71 7.75
CA PHE B 253 26.89 12.31 6.36
C PHE B 253 28.23 11.85 5.75
N HIS B 254 29.30 12.63 5.94
CA HIS B 254 30.65 12.19 5.54
C HIS B 254 30.98 10.80 6.09
N ASN B 255 30.79 10.61 7.39
CA ASN B 255 31.06 9.32 8.01
C ASN B 255 30.22 8.20 7.41
N LEU B 256 29.07 8.56 6.83
CA LEU B 256 28.22 7.56 6.18
C LEU B 256 28.53 7.43 4.68
N ASN B 257 29.53 8.17 4.21
CA ASN B 257 29.97 8.15 2.81
C ASN B 257 28.90 8.64 1.84
N ILE B 258 28.05 9.52 2.36
CA ILE B 258 27.14 10.29 1.54
C ILE B 258 27.93 11.43 0.90
N ASN B 259 27.69 11.69 -0.37
CA ASN B 259 28.33 12.80 -1.03
C ASN B 259 27.61 14.10 -0.66
N VAL B 260 28.26 14.96 0.11
CA VAL B 260 27.62 16.23 0.45
C VAL B 260 28.03 17.34 -0.50
N LEU B 261 27.12 17.70 -1.39
CA LEU B 261 27.38 18.72 -2.40
C LEU B 261 26.73 20.02 -1.98
N THR B 262 27.12 20.52 -0.80
CA THR B 262 26.80 21.89 -0.40
C THR B 262 27.43 22.88 -1.39
N ASN B 263 26.92 24.10 -1.42
CA ASN B 263 27.40 25.13 -2.37
C ASN B 263 27.27 24.72 -3.83
N TYR B 264 26.18 24.01 -4.15
CA TYR B 264 25.84 23.65 -5.52
C TYR B 264 24.34 23.68 -5.70
N TYR B 265 23.89 24.08 -6.88
CA TYR B 265 22.47 23.96 -7.16
C TYR B 265 22.23 23.43 -8.57
N VAL B 266 21.07 22.84 -8.76
CA VAL B 266 20.74 22.17 -10.01
C VAL B 266 20.29 23.20 -11.04
N ILE B 267 20.78 23.08 -12.27
CA ILE B 267 20.41 24.04 -13.30
C ILE B 267 19.75 23.40 -14.50
N ASP B 268 19.85 22.07 -14.58
CA ASP B 268 19.22 21.33 -15.67
C ASP B 268 19.13 19.85 -15.34
N VAL B 269 18.03 19.22 -15.76
CA VAL B 269 17.84 17.80 -15.54
C VAL B 269 17.46 17.10 -16.85
N ASP B 270 18.21 16.07 -17.22
CA ASP B 270 17.87 15.23 -18.37
C ASP B 270 17.52 13.83 -17.87
N LYS B 271 17.29 12.90 -18.80
CA LYS B 271 16.83 11.57 -18.41
C LYS B 271 17.84 10.78 -17.57
N HIS B 272 19.11 10.79 -17.95
CA HIS B 272 20.11 10.00 -17.25
C HIS B 272 21.17 10.82 -16.51
N SER B 273 21.15 12.13 -16.67
CA SER B 273 22.10 12.96 -15.93
C SER B 273 21.51 14.32 -15.61
N PHE B 274 22.10 14.99 -14.62
CA PHE B 274 21.71 16.38 -14.36
C PHE B 274 22.96 17.26 -14.20
N HIS B 275 22.77 18.57 -14.31
CA HIS B 275 23.88 19.51 -14.20
C HIS B 275 23.75 20.35 -12.94
N ILE B 276 24.86 20.49 -12.22
CA ILE B 276 24.89 21.40 -11.08
C ILE B 276 25.89 22.52 -11.30
N GLN B 277 25.67 23.59 -10.56
CA GLN B 277 26.40 24.84 -10.71
C GLN B 277 26.98 25.23 -9.35
N SER B 278 28.28 25.51 -9.30
CA SER B 278 28.87 26.00 -8.05
C SER B 278 28.28 27.35 -7.64
N SER B 279 28.07 27.51 -6.34
CA SER B 279 27.59 28.76 -5.77
C SER B 279 28.73 29.72 -5.51
N LEU B 280 29.94 29.17 -5.52
CA LEU B 280 31.17 29.90 -5.23
C LEU B 280 31.94 30.33 -6.48
N ASN B 281 31.69 29.66 -7.59
CA ASN B 281 32.33 29.98 -8.87
C ASN B 281 31.35 29.74 -10.00
N LYS B 282 30.81 30.82 -10.58
CA LYS B 282 29.76 30.75 -11.60
C LYS B 282 30.20 29.95 -12.84
N ASN B 283 31.50 29.81 -13.03
CA ASN B 283 32.01 29.15 -14.22
C ASN B 283 32.18 27.65 -14.04
N GLU B 284 32.08 27.17 -12.80
CA GLU B 284 32.24 25.76 -12.52
C GLU B 284 30.89 25.02 -12.52
N LYS B 285 30.79 24.05 -13.40
CA LYS B 285 29.61 23.22 -13.54
C LYS B 285 30.04 21.76 -13.48
N LYS B 286 29.13 20.87 -13.12
CA LYS B 286 29.39 19.44 -13.17
C LYS B 286 28.17 18.70 -13.70
N LYS B 287 28.44 17.65 -14.45
CA LYS B 287 27.42 16.76 -14.99
C LYS B 287 27.49 15.49 -14.18
N LEU B 288 26.35 15.02 -13.68
CA LEU B 288 26.31 13.85 -12.82
C LEU B 288 25.30 12.87 -13.34
N SER B 289 25.67 11.59 -13.41
CA SER B 289 24.72 10.54 -13.74
C SER B 289 23.89 10.21 -12.51
N TYR B 290 22.67 9.72 -12.73
CA TYR B 290 21.78 9.37 -11.63
C TYR B 290 20.78 8.31 -12.04
N GLY B 291 20.30 7.55 -11.05
CA GLY B 291 19.20 6.62 -11.25
C GLY B 291 17.89 7.09 -10.62
N LEU B 292 17.98 7.81 -9.52
CA LEU B 292 16.80 8.33 -8.84
C LEU B 292 17.07 9.76 -8.38
N LEU B 293 16.26 10.70 -8.85
CA LEU B 293 16.46 12.10 -8.48
C LEU B 293 15.30 12.58 -7.64
N ILE B 294 15.61 13.00 -6.41
CA ILE B 294 14.56 13.42 -5.49
C ILE B 294 14.61 14.93 -5.27
N TRP B 295 13.49 15.61 -5.53
CA TRP B 295 13.40 17.06 -5.40
C TRP B 295 12.70 17.39 -4.09
N ALA B 296 13.46 17.76 -3.07
CA ALA B 296 12.92 17.79 -1.72
C ALA B 296 12.44 19.16 -1.29
N SER B 297 12.62 20.15 -2.15
CA SER B 297 12.43 21.56 -1.81
C SER B 297 11.52 22.33 -2.78
N GLY B 298 10.85 23.36 -2.27
CA GLY B 298 10.15 24.28 -3.14
C GLY B 298 8.63 24.35 -3.06
N LEU B 299 8.13 25.53 -2.69
CA LEU B 299 6.69 25.78 -2.64
C LEU B 299 6.26 26.77 -3.72
N ALA B 300 5.09 26.53 -4.29
CA ALA B 300 4.45 27.50 -5.16
C ALA B 300 2.98 27.51 -4.77
N GLN B 301 2.28 28.57 -5.14
CA GLN B 301 0.89 28.72 -4.75
C GLN B 301 0.00 27.86 -5.64
N THR B 302 -1.09 27.35 -5.05
CA THR B 302 -2.06 26.58 -5.82
C THR B 302 -2.70 27.46 -6.88
N THR B 303 -3.24 26.83 -7.92
CA THR B 303 -3.95 27.56 -8.96
C THR B 303 -5.17 28.27 -8.38
N LEU B 304 -5.85 27.61 -7.44
CA LEU B 304 -7.02 28.22 -6.80
C LEU B 304 -6.69 29.59 -6.19
N ILE B 305 -5.57 29.66 -5.49
CA ILE B 305 -5.14 30.88 -4.84
C ILE B 305 -4.74 31.92 -5.88
N GLN B 306 -4.03 31.50 -6.92
CA GLN B 306 -3.64 32.39 -8.02
C GLN B 306 -4.86 33.05 -8.65
N LYS B 307 -5.91 32.25 -8.85
CA LYS B 307 -7.14 32.72 -9.48
C LYS B 307 -7.97 33.58 -8.54
N PHE B 308 -8.02 33.19 -7.27
CA PHE B 308 -8.75 33.95 -6.27
C PHE B 308 -8.17 35.36 -6.10
N LEU B 309 -6.84 35.45 -6.17
CA LEU B 309 -6.15 36.71 -5.92
C LEU B 309 -6.62 37.77 -6.92
N LYS B 310 -6.75 37.37 -8.17
CA LYS B 310 -7.07 38.28 -9.26
C LYS B 310 -8.49 38.82 -9.20
N THR B 311 -9.30 38.28 -8.29
CA THR B 311 -10.68 38.72 -8.17
C THR B 311 -10.84 39.67 -6.99
N ILE B 312 -9.76 39.89 -6.25
CA ILE B 312 -9.75 40.86 -5.17
C ILE B 312 -8.92 42.06 -5.61
N PRO B 313 -9.59 43.22 -5.83
CA PRO B 313 -8.95 44.41 -6.40
C PRO B 313 -7.69 44.77 -5.62
N VAL B 314 -7.85 44.96 -4.32
CA VAL B 314 -6.73 45.23 -3.42
C VAL B 314 -5.58 44.20 -3.50
N GLN B 315 -5.88 42.94 -3.77
CA GLN B 315 -4.82 41.92 -3.80
C GLN B 315 -4.45 41.46 -5.20
N ALA B 316 -4.96 42.15 -6.22
CA ALA B 316 -4.93 41.64 -7.59
C ALA B 316 -3.54 41.26 -8.09
N ASN B 317 -2.51 41.96 -7.66
CA ASN B 317 -1.16 41.65 -8.11
C ASN B 317 -0.28 41.06 -7.01
N ASN B 318 -0.90 40.55 -5.95
CA ASN B 318 -0.16 39.83 -4.94
C ASN B 318 0.27 38.46 -5.46
N ALA B 319 1.37 37.95 -4.92
CA ALA B 319 1.83 36.61 -5.23
C ALA B 319 1.33 35.61 -4.18
N ILE B 320 0.85 36.12 -3.06
CA ILE B 320 0.33 35.24 -2.01
C ILE B 320 -0.85 35.92 -1.33
N LEU B 321 -1.76 35.11 -0.81
CA LEU B 321 -2.95 35.59 -0.15
C LEU B 321 -2.62 36.28 1.18
N LYS B 322 -3.02 37.54 1.33
CA LYS B 322 -2.74 38.26 2.57
C LYS B 322 -3.93 38.23 3.50
N VAL B 323 -3.69 37.96 4.78
CA VAL B 323 -4.77 38.01 5.78
C VAL B 323 -4.37 39.02 6.83
N ASP B 324 -5.33 39.51 7.60
CA ASP B 324 -4.99 40.44 8.67
C ASP B 324 -4.59 39.70 9.94
N GLU B 325 -4.39 40.43 11.04
CA GLU B 325 -3.89 39.84 12.28
C GLU B 325 -4.89 38.88 12.91
N LYS B 326 -6.10 38.82 12.36
CA LYS B 326 -7.13 37.93 12.88
C LYS B 326 -7.40 36.80 11.88
N LEU B 327 -6.54 36.76 10.86
CA LEU B 327 -6.51 35.70 9.84
C LEU B 327 -7.64 35.89 8.82
N ARG B 328 -8.26 37.07 8.80
CA ARG B 328 -9.28 37.39 7.79
C ARG B 328 -8.64 37.83 6.48
N VAL B 329 -9.09 37.26 5.38
CA VAL B 329 -8.59 37.66 4.07
C VAL B 329 -8.87 39.13 3.83
N ILE B 330 -7.87 39.87 3.36
CA ILE B 330 -7.97 41.33 3.20
C ILE B 330 -8.63 41.71 1.87
N GLY B 331 -9.58 42.64 1.91
CA GLY B 331 -10.27 43.06 0.71
C GLY B 331 -11.60 42.35 0.54
N ILE B 332 -12.13 41.82 1.64
CA ILE B 332 -13.42 41.16 1.62
C ILE B 332 -14.39 41.92 2.53
N PRO B 333 -15.29 42.71 1.93
CA PRO B 333 -16.19 43.60 2.68
C PRO B 333 -16.90 42.86 3.80
N SER B 334 -17.26 41.60 3.55
CA SER B 334 -18.04 40.85 4.55
C SER B 334 -17.19 40.22 5.66
N ASN B 335 -15.85 40.29 5.56
CA ASN B 335 -14.98 39.71 6.58
C ASN B 335 -15.33 38.27 6.96
N ASN B 336 -15.76 37.48 5.99
CA ASN B 336 -16.24 36.14 6.30
C ASN B 336 -15.41 35.05 5.59
N ILE B 337 -14.31 35.46 4.96
CA ILE B 337 -13.33 34.52 4.46
C ILE B 337 -12.03 34.61 5.29
N TYR B 338 -11.55 33.45 5.76
CA TYR B 338 -10.31 33.32 6.53
C TYR B 338 -9.34 32.42 5.77
N ALA B 339 -8.05 32.56 6.04
CA ALA B 339 -7.07 31.64 5.46
C ALA B 339 -6.02 31.30 6.51
N ILE B 340 -5.56 30.06 6.53
CA ILE B 340 -4.57 29.61 7.51
C ILE B 340 -3.56 28.71 6.83
N GLY B 341 -2.39 28.53 7.44
CA GLY B 341 -1.42 27.62 6.87
C GLY B 341 -0.56 28.22 5.77
N ASP B 342 -0.07 27.36 4.89
CA ASP B 342 0.94 27.74 3.90
C ASP B 342 0.42 28.64 2.77
N CYS B 343 -0.89 28.75 2.60
CA CYS B 343 -1.42 29.53 1.48
C CYS B 343 -1.51 31.01 1.79
N LYS B 344 -1.14 31.43 3.00
CA LYS B 344 -1.39 32.80 3.44
C LYS B 344 -0.11 33.46 3.99
N LYS B 345 -0.12 34.79 4.04
CA LYS B 345 0.82 35.55 4.88
C LYS B 345 0.04 36.60 5.64
N ILE B 346 0.44 36.88 6.88
CA ILE B 346 -0.24 37.85 7.70
C ILE B 346 0.29 39.27 7.46
N GLN B 347 -0.62 40.21 7.21
CA GLN B 347 -0.28 41.63 7.16
C GLN B 347 -1.05 42.35 8.25
N PRO B 348 -0.42 42.55 9.42
CA PRO B 348 -1.16 43.03 10.58
C PRO B 348 -1.52 44.50 10.47
N LYS B 349 -2.49 44.91 11.29
CA LYS B 349 -2.84 46.30 11.47
C LYS B 349 -1.57 47.07 11.83
N LEU B 350 -1.34 48.20 11.16
CA LEU B 350 -0.07 48.94 11.28
C LEU B 350 -0.04 49.81 12.52
N LEU B 351 0.99 49.60 13.35
CA LEU B 351 1.25 50.45 14.51
C LEU B 351 1.28 51.92 14.12
N HIS B 352 1.99 52.22 13.03
CA HIS B 352 2.25 53.62 12.74
C HIS B 352 1.00 54.35 12.25
N GLU B 353 -0.03 53.61 11.87
CA GLU B 353 -1.30 54.24 11.52
C GLU B 353 -2.15 54.48 12.75
N HIS B 354 -1.62 54.14 13.92
CA HIS B 354 -2.32 54.37 15.18
C HIS B 354 -1.42 55.00 16.24
N THR B 355 -0.45 55.81 15.80
CA THR B 355 0.55 56.39 16.70
C THR B 355 -0.08 57.14 17.88
N ASN B 356 -0.98 58.07 17.60
CA ASN B 356 -1.60 58.87 18.66
C ASN B 356 -2.37 58.05 19.69
N GLU B 357 -3.10 57.04 19.24
CA GLU B 357 -3.82 56.17 20.18
C GLU B 357 -2.84 55.46 21.08
N ILE B 358 -1.74 55.00 20.49
CA ILE B 358 -0.74 54.27 21.26
C ILE B 358 -0.07 55.21 22.27
N ILE B 359 0.24 56.43 21.83
CA ILE B 359 0.81 57.45 22.71
C ILE B 359 -0.04 57.67 23.97
N LYS B 360 -1.35 57.85 23.80
CA LYS B 360 -2.26 57.97 24.94
C LYS B 360 -2.20 56.75 25.86
N ILE B 361 -2.19 55.56 25.25
CA ILE B 361 -2.12 54.32 26.01
C ILE B 361 -0.88 54.27 26.91
N LEU B 362 0.24 54.80 26.42
CA LEU B 362 1.46 54.76 27.22
C LEU B 362 1.29 55.65 28.46
N THR B 363 1.46 55.04 29.64
CA THR B 363 1.28 55.74 30.92
C THR B 363 2.59 56.28 31.48
N GLY B 364 3.70 55.63 31.12
CA GLY B 364 4.99 56.10 31.54
C GLY B 364 5.27 57.28 30.65
N ASN B 365 4.59 58.40 30.89
CA ASN B 365 4.65 59.53 29.96
C ASN B 365 6.02 60.13 29.85
N LYS B 366 6.64 59.62 28.80
CA LYS B 366 8.00 59.81 28.40
C LYS B 366 8.03 58.74 27.30
N LEU B 367 8.00 59.12 26.02
CA LEU B 367 7.94 58.12 24.96
C LEU B 367 9.28 57.44 24.73
N THR B 368 9.45 56.33 25.44
CA THR B 368 10.65 55.52 25.36
C THR B 368 10.27 54.11 24.91
N SER B 369 11.25 53.34 24.43
CA SER B 369 10.96 51.98 24.03
C SER B 369 10.57 51.16 25.26
N GLU B 370 11.09 51.54 26.42
CA GLU B 370 10.77 50.80 27.64
C GLU B 370 9.32 51.04 28.03
N ALA B 371 8.83 52.26 27.77
CA ALA B 371 7.43 52.58 28.03
C ALA B 371 6.51 51.71 27.18
N LEU B 372 6.83 51.61 25.90
CA LEU B 372 6.09 50.76 24.98
C LEU B 372 6.13 49.30 25.44
N LYS B 373 7.30 48.82 25.82
CA LYS B 373 7.43 47.43 26.24
C LYS B 373 6.62 47.13 27.49
N LEU B 374 6.40 48.17 28.28
CA LEU B 374 5.64 48.01 29.50
C LEU B 374 4.17 47.73 29.21
N LYS B 375 3.68 48.16 28.05
CA LYS B 375 2.28 47.89 27.66
C LYS B 375 2.14 46.79 26.60
N GLN B 376 3.20 46.00 26.46
CA GLN B 376 3.29 45.06 25.36
C GLN B 376 2.29 43.91 25.56
N SER B 377 2.00 43.54 26.80
CA SER B 377 0.94 42.55 27.05
C SER B 377 -0.40 42.98 26.47
N GLU B 378 -0.82 44.21 26.78
CA GLU B 378 -2.11 44.68 26.32
C GLU B 378 -2.11 44.94 24.82
N LEU B 379 -1.04 45.53 24.29
CA LEU B 379 -1.09 45.96 22.90
C LEU B 379 -0.84 44.81 21.91
N THR B 380 -0.24 43.70 22.37
CA THR B 380 -0.03 42.56 21.49
C THR B 380 -1.34 41.87 21.11
N LYS B 381 -2.38 42.11 21.90
CA LYS B 381 -3.71 41.59 21.58
C LYS B 381 -4.21 42.22 20.29
N THR B 382 -3.71 43.43 19.99
CA THR B 382 -4.06 44.11 18.76
C THR B 382 -2.95 44.02 17.71
N PHE B 383 -1.70 44.17 18.14
CA PHE B 383 -0.57 44.23 17.21
C PHE B 383 0.41 43.11 17.49
N PRO B 384 0.36 42.02 16.69
CA PRO B 384 1.26 40.90 17.01
C PRO B 384 2.73 41.27 16.84
N GLN B 385 3.01 42.27 16.00
CA GLN B 385 4.39 42.68 15.74
C GLN B 385 5.08 43.28 16.98
N LEU B 386 4.33 43.57 18.03
CA LEU B 386 4.92 44.06 19.28
C LEU B 386 5.34 42.94 20.21
N SER B 387 5.01 41.71 19.84
CA SER B 387 5.38 40.56 20.68
C SER B 387 6.88 40.51 20.88
N ILE B 388 7.30 40.11 22.07
CA ILE B 388 8.73 39.96 22.34
C ILE B 388 9.32 38.87 21.45
N SER B 389 8.46 38.00 20.90
CA SER B 389 8.90 37.00 19.94
C SER B 389 9.06 37.61 18.55
N LYS B 390 8.57 38.82 18.35
CA LYS B 390 8.59 39.46 17.03
C LYS B 390 9.48 40.70 16.96
N TRP B 391 9.70 41.34 18.11
CA TRP B 391 10.50 42.56 18.16
C TRP B 391 11.48 42.44 19.30
N ASP B 392 12.76 42.62 18.99
CA ASP B 392 13.80 42.56 20.02
C ASP B 392 13.91 43.92 20.72
N TYR B 393 13.25 44.05 21.86
CA TYR B 393 13.28 45.31 22.61
C TYR B 393 14.66 45.66 23.17
N GLU B 394 15.44 44.63 23.56
CA GLU B 394 16.75 44.86 24.18
C GLU B 394 17.73 45.43 23.16
N LYS B 395 17.67 44.92 21.93
CA LYS B 395 18.58 45.38 20.89
C LYS B 395 18.08 46.61 20.15
N ASN B 396 16.88 47.08 20.47
CA ASN B 396 16.36 48.27 19.81
C ASN B 396 15.87 49.31 20.83
N LYS B 397 16.58 49.43 21.95
CA LYS B 397 16.21 50.44 22.93
C LYS B 397 16.33 51.83 22.37
N LYS B 398 15.43 52.69 22.81
CA LYS B 398 15.35 54.08 22.36
C LYS B 398 14.98 54.96 23.54
N GLY B 399 15.69 56.06 23.70
CA GLY B 399 15.39 57.01 24.76
C GLY B 399 14.13 57.78 24.46
N GLU B 400 13.98 58.94 25.05
CA GLU B 400 12.77 59.73 24.86
C GLU B 400 12.65 60.17 23.41
N MET B 401 11.48 60.02 22.83
CA MET B 401 11.28 60.34 21.43
C MET B 401 10.25 61.45 21.27
N THR B 402 10.37 62.26 20.23
CA THR B 402 9.28 63.14 19.84
C THR B 402 8.19 62.26 19.23
N PRO B 403 6.95 62.77 19.18
CA PRO B 403 5.88 62.01 18.52
C PRO B 403 6.26 61.54 17.12
N GLN B 404 6.85 62.40 16.30
CA GLN B 404 7.29 62.00 14.96
C GLN B 404 8.33 60.87 15.00
N GLN B 405 9.25 60.94 15.97
CA GLN B 405 10.27 59.91 16.11
C GLN B 405 9.62 58.60 16.55
N PHE B 406 8.63 58.72 17.43
CA PHE B 406 7.92 57.56 17.92
C PHE B 406 7.18 56.90 16.77
N HIS B 407 6.53 57.73 15.94
CA HIS B 407 5.91 57.27 14.73
C HIS B 407 6.89 56.46 13.88
N ASP B 408 8.08 57.00 13.67
CA ASP B 408 9.10 56.32 12.86
C ASP B 408 9.54 55.00 13.48
N TYR B 409 9.60 54.97 14.80
CA TYR B 409 9.95 53.77 15.54
C TYR B 409 8.89 52.69 15.34
N LEU B 410 7.63 53.06 15.53
CA LEU B 410 6.51 52.14 15.31
C LEU B 410 6.55 51.61 13.88
N PHE B 411 6.86 52.49 12.95
CA PHE B 411 7.01 52.09 11.56
C PHE B 411 8.08 51.00 11.39
N GLU B 412 9.17 51.10 12.14
CA GLU B 412 10.22 50.08 12.04
C GLU B 412 9.73 48.75 12.59
N ILE B 413 8.94 48.79 13.65
CA ILE B 413 8.36 47.56 14.19
C ILE B 413 7.41 46.93 13.16
N ASP B 414 6.57 47.75 12.53
CA ASP B 414 5.67 47.27 11.47
C ASP B 414 6.45 46.57 10.37
N LYS B 415 7.49 47.23 9.91
CA LYS B 415 8.30 46.74 8.80
C LYS B 415 9.00 45.43 9.15
N ASN B 416 9.38 45.28 10.41
CA ASN B 416 10.12 44.12 10.89
C ASN B 416 9.28 42.84 11.06
N TYR B 417 7.96 42.99 11.11
CA TYR B 417 7.08 41.85 11.36
C TYR B 417 7.29 40.71 10.34
N LYS B 418 7.47 39.51 10.86
CA LYS B 418 7.63 38.32 10.01
C LYS B 418 6.36 37.49 10.17
N SER B 419 5.73 37.16 9.04
CA SER B 419 4.57 36.27 9.05
C SER B 419 4.95 34.90 9.62
N PRO B 420 3.98 34.14 10.14
CA PRO B 420 4.36 32.80 10.59
C PRO B 420 5.02 31.98 9.47
N THR B 421 6.10 31.28 9.81
CA THR B 421 6.78 30.40 8.86
C THR B 421 5.82 29.29 8.36
N PRO B 422 6.02 28.81 7.12
CA PRO B 422 5.11 27.79 6.55
C PRO B 422 5.40 26.41 7.14
N THR B 423 4.88 26.15 8.33
CA THR B 423 5.12 24.90 9.01
C THR B 423 3.83 24.23 9.52
N ALA B 424 3.91 22.93 9.79
CA ALA B 424 2.80 22.22 10.37
C ALA B 424 2.49 22.78 11.73
N GLN B 425 3.55 23.16 12.44
CA GLN B 425 3.42 23.76 13.76
C GLN B 425 2.53 25.00 13.73
N ASN B 426 2.81 25.90 12.79
CA ASN B 426 2.04 27.12 12.70
C ASN B 426 0.65 26.85 12.15
N ALA B 427 0.52 25.98 11.14
CA ALA B 427 -0.81 25.67 10.63
C ALA B 427 -1.70 25.12 11.74
N LYS B 428 -1.14 24.26 12.58
CA LYS B 428 -1.90 23.70 13.69
C LYS B 428 -2.31 24.76 14.71
N GLN B 429 -1.37 25.63 15.06
CA GLN B 429 -1.70 26.66 16.06
C GLN B 429 -2.75 27.65 15.54
N GLU B 430 -2.68 27.98 14.25
CA GLU B 430 -3.63 28.90 13.64
C GLU B 430 -5.02 28.26 13.63
N ALA B 431 -5.05 26.97 13.33
CA ALA B 431 -6.30 26.22 13.29
C ALA B 431 -6.96 26.22 14.65
N TYR B 432 -6.18 26.00 15.71
CA TYR B 432 -6.75 25.97 17.04
C TYR B 432 -7.20 27.36 17.46
N TYR B 433 -6.37 28.36 17.14
CA TYR B 433 -6.72 29.75 17.43
C TYR B 433 -8.06 30.11 16.79
N LEU B 434 -8.19 29.83 15.50
CA LEU B 434 -9.32 30.33 14.75
C LEU B 434 -10.60 29.54 15.07
N SER B 435 -10.47 28.23 15.23
CA SER B 435 -11.61 27.41 15.63
C SER B 435 -12.06 27.83 17.04
N ASN B 436 -11.13 28.12 17.94
CA ASN B 436 -11.51 28.66 19.23
C ASN B 436 -12.22 30.02 19.13
N VAL B 437 -11.81 30.84 18.16
CA VAL B 437 -12.47 32.12 17.94
C VAL B 437 -13.93 31.94 17.51
N PHE B 438 -14.17 30.98 16.62
CA PHE B 438 -15.53 30.64 16.22
C PHE B 438 -16.35 30.03 17.34
N ASN B 439 -15.73 29.17 18.15
CA ASN B 439 -16.43 28.52 19.26
C ASN B 439 -16.80 29.47 20.38
N ASN B 440 -15.92 30.43 20.70
CA ASN B 440 -16.05 31.16 21.95
C ASN B 440 -16.07 32.68 21.87
N PHE B 441 -16.02 33.23 20.67
CA PHE B 441 -16.00 34.68 20.51
C PHE B 441 -17.07 35.12 19.53
N ILE B 442 -17.07 34.54 18.33
CA ILE B 442 -18.06 34.90 17.31
C ILE B 442 -19.50 34.56 17.76
N HIS B 443 -20.39 35.55 17.57
CA HIS B 443 -21.79 35.51 18.03
C HIS B 443 -21.93 35.21 19.51
N THR B 444 -21.10 35.88 20.30
CA THR B 444 -21.16 35.87 21.75
C THR B 444 -20.76 37.26 22.23
N ASN B 445 -20.85 37.51 23.53
CA ASN B 445 -20.57 38.84 24.05
C ASN B 445 -19.07 39.15 24.17
N GLN B 446 -18.24 38.27 23.63
CA GLN B 446 -16.81 38.51 23.56
C GLN B 446 -16.39 38.82 22.13
N LYS B 447 -17.38 38.94 21.25
CA LYS B 447 -17.16 39.12 19.81
C LYS B 447 -16.24 40.29 19.43
N PHE B 448 -16.01 41.21 20.37
CA PHE B 448 -15.14 42.36 20.11
C PHE B 448 -13.84 42.26 20.89
N ASN B 449 -13.70 41.19 21.67
CA ASN B 449 -12.46 40.91 22.39
C ASN B 449 -11.59 39.84 21.74
N ILE B 450 -11.69 39.70 20.43
CA ILE B 450 -10.88 38.71 19.71
C ILE B 450 -9.43 39.18 19.60
N PRO B 451 -8.50 38.45 20.26
CA PRO B 451 -7.08 38.84 20.18
C PRO B 451 -6.41 38.49 18.84
N SER B 452 -5.29 39.12 18.53
CA SER B 452 -4.61 38.82 17.26
C SER B 452 -3.91 37.46 17.37
N PHE B 453 -3.59 36.82 16.24
CA PHE B 453 -2.87 35.56 16.30
C PHE B 453 -1.37 35.76 16.51
N ILE B 454 -0.81 35.13 17.55
CA ILE B 454 0.64 35.15 17.74
C ILE B 454 1.14 33.72 18.01
N GLU B 455 1.97 33.20 17.12
CA GLU B 455 2.41 31.81 17.21
C GLU B 455 3.48 31.61 18.27
N LYS B 456 3.65 30.36 18.71
CA LYS B 456 4.69 30.03 19.68
C LYS B 456 5.63 28.97 19.08
N TRP B 457 6.91 29.30 19.00
CA TRP B 457 7.87 28.36 18.46
C TRP B 457 8.18 27.27 19.49
N LYS B 458 8.07 26.02 19.07
CA LYS B 458 8.24 24.89 19.97
C LYS B 458 9.54 24.14 19.69
N GLY B 459 10.26 24.51 18.64
CA GLY B 459 11.47 23.80 18.30
C GLY B 459 11.35 22.92 17.08
N SER B 460 12.49 22.40 16.61
CA SER B 460 12.55 21.54 15.43
C SER B 460 13.40 20.33 15.71
N LEU B 461 13.10 19.24 15.00
CA LEU B 461 13.74 17.94 15.18
C LEU B 461 14.14 17.42 13.80
N ALA B 462 15.25 16.73 13.71
CA ALA B 462 15.58 16.06 12.46
C ALA B 462 16.35 14.77 12.72
N TYR B 463 16.00 13.72 11.98
CA TYR B 463 16.77 12.49 11.99
C TYR B 463 17.88 12.54 10.93
N ILE B 464 19.13 12.29 11.31
CA ILE B 464 20.22 12.52 10.35
C ILE B 464 21.06 11.25 10.06
N GLY B 465 20.53 10.08 10.39
CA GLY B 465 21.16 8.84 10.00
C GLY B 465 21.93 8.15 11.11
N ASN B 466 22.02 6.83 11.02
CA ASN B 466 22.79 6.01 11.95
C ASN B 466 22.47 6.30 13.41
N HIS B 467 21.17 6.35 13.71
CA HIS B 467 20.62 6.53 15.06
C HIS B 467 20.70 7.95 15.58
N GLN B 468 21.29 8.86 14.81
CA GLN B 468 21.50 10.21 15.28
C GLN B 468 20.33 11.18 15.00
N VAL B 469 19.82 11.76 16.07
CA VAL B 469 18.79 12.78 15.98
C VAL B 469 19.36 14.11 16.48
N VAL B 470 19.07 15.19 15.74
CA VAL B 470 19.39 16.52 16.21
C VAL B 470 18.11 17.27 16.51
N ALA B 471 18.20 18.22 17.45
CA ALA B 471 17.04 19.03 17.79
C ALA B 471 17.49 20.43 18.17
N ASP B 472 16.78 21.41 17.64
CA ASP B 472 17.01 22.80 17.93
C ASP B 472 15.76 23.30 18.66
N LEU B 473 15.82 23.39 19.98
CA LEU B 473 14.64 23.73 20.78
C LEU B 473 14.83 25.05 21.51
N PRO B 474 13.74 25.63 22.04
CA PRO B 474 13.98 26.73 22.97
C PRO B 474 14.80 26.20 24.14
N TYR B 475 15.95 26.81 24.39
CA TYR B 475 16.80 26.51 25.56
C TYR B 475 17.64 25.23 25.48
N TYR B 476 17.47 24.39 24.46
CA TYR B 476 18.28 23.15 24.33
C TYR B 476 18.70 22.92 22.89
N GLU B 477 19.88 22.34 22.69
CA GLU B 477 20.22 21.72 21.41
C GLU B 477 20.59 20.27 21.69
N LEU B 478 20.06 19.38 20.85
CA LEU B 478 20.41 17.98 20.89
C LEU B 478 21.28 17.66 19.68
N LYS B 479 22.39 16.96 19.90
CA LYS B 479 23.28 16.66 18.79
C LYS B 479 23.65 15.18 18.79
N GLY B 480 22.67 14.33 18.51
CA GLY B 480 22.90 12.89 18.46
C GLY B 480 23.09 12.22 19.82
N GLY B 481 23.71 11.05 19.83
CA GLY B 481 23.89 10.29 21.05
C GLY B 481 22.87 9.18 21.19
N ARG B 482 23.15 8.24 22.08
CA ARG B 482 22.34 7.04 22.28
C ARG B 482 20.86 7.30 22.57
N PHE B 483 20.57 8.39 23.27
CA PHE B 483 19.19 8.65 23.65
C PHE B 483 18.49 9.66 22.74
N SER B 484 19.17 10.17 21.72
CA SER B 484 18.53 11.14 20.85
C SER B 484 17.41 10.49 20.05
N SER B 485 17.57 9.24 19.62
CA SER B 485 16.49 8.57 18.90
C SER B 485 15.30 8.32 19.84
N THR B 486 15.58 8.12 21.13
CA THR B 486 14.50 7.93 22.10
C THR B 486 13.70 9.20 22.27
N PHE B 487 14.42 10.31 22.28
CA PHE B 487 13.79 11.62 22.39
C PHE B 487 12.82 11.88 21.24
N TRP B 488 13.28 11.55 20.04
CA TRP B 488 12.49 11.71 18.82
C TRP B 488 11.16 10.94 18.94
N LYS B 489 11.24 9.69 19.39
CA LYS B 489 10.04 8.85 19.55
C LYS B 489 9.06 9.40 20.59
N VAL B 490 9.60 9.85 21.72
CA VAL B 490 8.78 10.47 22.76
C VAL B 490 8.05 11.71 22.25
N VAL B 491 8.76 12.52 21.47
CA VAL B 491 8.16 13.71 20.91
C VAL B 491 7.07 13.34 19.91
N TYR B 492 7.44 12.56 18.91
CA TYR B 492 6.48 12.28 17.85
C TYR B 492 5.25 11.48 18.28
N ILE B 493 5.40 10.57 19.24
CA ILE B 493 4.20 9.81 19.61
C ILE B 493 3.16 10.74 20.27
N GLN B 494 3.63 11.83 20.86
CA GLN B 494 2.69 12.79 21.43
C GLN B 494 2.11 13.75 20.38
N LEU B 495 2.80 13.92 19.26
CA LEU B 495 2.29 14.79 18.19
C LEU B 495 1.27 14.11 17.28
N LEU B 496 1.28 12.78 17.22
CA LEU B 496 0.31 12.04 16.43
C LEU B 496 -1.13 12.36 16.88
N LEU B 497 -2.09 12.34 15.96
CA LEU B 497 -3.43 12.88 16.27
C LEU B 497 -4.50 11.85 16.65
N SER B 498 -4.11 10.58 16.78
CA SER B 498 -5.03 9.54 17.22
C SER B 498 -4.30 8.40 17.90
N TRP B 499 -5.01 7.63 18.72
CA TRP B 499 -4.44 6.44 19.33
C TRP B 499 -4.14 5.36 18.28
N LYS B 500 -4.95 5.28 17.23
CA LYS B 500 -4.68 4.37 16.11
C LYS B 500 -3.25 4.60 15.57
N SER B 501 -2.94 5.85 15.25
CA SER B 501 -1.64 6.16 14.70
C SER B 501 -0.53 5.87 15.71
N ARG B 502 -0.80 6.11 16.98
CA ARG B 502 0.20 5.86 18.01
C ARG B 502 0.47 4.36 18.15
N PHE B 503 -0.61 3.59 18.05
CA PHE B 503 -0.53 2.14 18.04
C PHE B 503 0.42 1.69 16.92
N HIS B 504 0.16 2.18 15.71
CA HIS B 504 0.99 1.82 14.55
C HIS B 504 2.43 2.31 14.66
N PHE B 505 2.60 3.51 15.21
CA PHE B 505 3.92 4.07 15.46
C PHE B 505 4.76 3.09 16.29
N PHE B 506 4.18 2.61 17.38
CA PHE B 506 4.87 1.68 18.25
C PHE B 506 5.13 0.34 17.56
N ILE B 507 4.10 -0.20 16.90
CA ILE B 507 4.22 -1.51 16.24
C ILE B 507 5.26 -1.49 15.12
N ASP B 508 5.26 -0.42 14.33
CA ASP B 508 6.20 -0.30 13.24
C ASP B 508 7.66 -0.33 13.73
N PHE B 509 7.93 0.28 14.88
CA PHE B 509 9.30 0.20 15.37
C PHE B 509 9.64 -1.20 15.86
N ILE B 510 8.70 -1.87 16.53
CA ILE B 510 8.89 -3.29 16.86
C ILE B 510 9.13 -4.11 15.60
N LYS B 511 8.29 -3.91 14.59
CA LYS B 511 8.35 -4.66 13.34
C LYS B 511 9.72 -4.50 12.69
N THR B 512 10.16 -3.25 12.59
CA THR B 512 11.40 -2.91 11.92
C THR B 512 12.61 -3.47 12.68
N LYS B 513 12.56 -3.42 14.01
CA LYS B 513 13.65 -4.00 14.80
C LYS B 513 13.76 -5.51 14.65
N TRP B 514 12.63 -6.21 14.66
CA TRP B 514 12.63 -7.67 14.65
C TRP B 514 12.74 -8.29 13.25
N TYR B 515 12.11 -7.67 12.26
CA TYR B 515 12.05 -8.30 10.94
C TYR B 515 12.65 -7.44 9.84
N GLY B 516 13.00 -6.19 10.17
CA GLY B 516 13.57 -5.30 9.18
C GLY B 516 12.55 -4.60 8.30
N ARG B 517 13.01 -3.65 7.50
CA ARG B 517 12.15 -2.95 6.57
C ARG B 517 11.68 -3.85 5.43
N PRO B 518 10.44 -3.64 4.94
CA PRO B 518 9.88 -4.51 3.89
C PRO B 518 10.41 -4.16 2.50
N PHE B 519 10.44 -5.15 1.63
CA PHE B 519 10.81 -4.96 0.23
C PHE B 519 9.62 -5.09 -0.73
N ILE B 520 8.43 -5.39 -0.18
CA ILE B 520 7.25 -5.54 -1.02
C ILE B 520 6.89 -4.23 -1.72
N LYS B 521 6.71 -4.32 -3.04
CA LYS B 521 6.39 -3.20 -3.92
C LYS B 521 5.41 -3.64 -5.03
PA FAD C . 1.06 -19.68 -8.09
O1A FAD C . 0.00 -18.79 -8.67
O2A FAD C . 1.01 -19.77 -6.60
O5B FAD C . 2.52 -19.21 -8.57
C5B FAD C . 2.85 -19.08 -9.93
C4B FAD C . 4.11 -18.24 -9.99
O4B FAD C . 4.64 -18.28 -11.30
C3B FAD C . 3.82 -16.77 -9.67
O3B FAD C . 4.88 -16.27 -8.88
C2B FAD C . 3.90 -16.10 -11.02
O2B FAD C . 4.34 -14.76 -10.89
C1B FAD C . 4.95 -16.97 -11.69
N9A FAD C . 4.97 -16.93 -13.16
C8A FAD C . 3.90 -16.81 -14.01
N7A FAD C . 4.38 -16.85 -15.28
C5A FAD C . 5.72 -16.98 -15.24
C6A FAD C . 6.68 -17.06 -16.24
N6A FAD C . 6.31 -17.09 -17.52
N1A FAD C . 8.00 -17.21 -15.88
C2A FAD C . 8.36 -17.28 -14.56
N3A FAD C . 7.41 -17.18 -13.56
C4A FAD C . 6.10 -17.03 -13.91
N1 FAD C . -5.69 -23.19 -2.42
C2 FAD C . -5.89 -23.90 -1.28
O2 FAD C . -5.40 -25.02 -1.17
N3 FAD C . -6.63 -23.37 -0.23
C4 FAD C . -7.17 -22.11 -0.30
O4 FAD C . -7.81 -21.66 0.65
C4X FAD C . -6.95 -21.37 -1.46
N5 FAD C . -7.48 -20.10 -1.58
C5X FAD C . -7.24 -19.38 -2.75
C6 FAD C . -7.74 -18.09 -2.87
C7 FAD C . -7.54 -17.35 -4.03
C7M FAD C . -8.11 -15.96 -4.11
C8 FAD C . -6.80 -17.89 -5.07
C8M FAD C . -6.56 -17.11 -6.32
C9 FAD C . -6.29 -19.19 -4.95
C9A FAD C . -6.50 -19.92 -3.80
N10 FAD C . -5.99 -21.21 -3.66
C10 FAD C . -6.21 -21.91 -2.51
C1' FAD C . -5.23 -21.86 -4.78
C2' FAD C . -3.75 -21.63 -4.79
O2' FAD C . -3.50 -20.25 -4.80
C3' FAD C . -3.20 -22.21 -6.09
O3' FAD C . -3.59 -23.55 -6.23
C4' FAD C . -1.69 -22.07 -6.02
O4' FAD C . -1.41 -20.72 -6.20
C5' FAD C . -0.98 -22.91 -7.06
O5' FAD C . 0.41 -22.76 -6.84
P FAD C . 1.40 -22.54 -8.10
O1P FAD C . 2.82 -22.52 -7.60
O2P FAD C . 1.09 -23.64 -9.08
O3P FAD C . 0.93 -21.15 -8.76
MG MG D . 2.31 -24.30 -11.41
MG MG E . 5.12 -21.24 -8.03
MG MG F . 1.45 -17.47 -4.70
MG MG G . -1.68 -19.58 -10.50
C25 TRT H . 10.86 -20.28 10.91
O24 TRT H . 9.64 -21.00 11.00
C23 TRT H . 8.53 -20.40 10.34
C22 TRT H . 7.79 -21.47 9.58
O21 TRT H . 7.07 -22.36 10.50
C20 TRT H . 6.45 -23.46 9.85
C19 TRT H . 5.96 -24.50 10.85
O18 TRT H . 5.05 -23.88 11.79
C17 TRT H . 4.18 -24.78 12.47
C16 TRT H . 3.90 -24.23 13.91
O15 TRT H . 3.60 -22.81 13.78
C12 TRT H . 3.16 -22.13 14.97
C13 TRT H . 3.32 -22.74 16.24
C14 TRT H . 2.88 -22.07 17.38
C11 TRT H . 2.57 -20.87 14.86
C10 TRT H . 2.13 -20.19 16.01
C9 TRT H . 2.29 -20.80 17.27
C6 TRT H . 1.80 -20.08 18.52
C8 TRT H . 3.00 -19.82 19.45
C7 TRT H . 1.20 -18.73 18.12
C5 TRT H . 0.77 -20.97 19.34
C1 TRT H . -0.61 -21.51 18.74
C2 TRT H . -1.74 -20.54 19.11
C4 TRT H . -0.67 -21.74 17.23
C3 TRT H . -0.87 -22.85 19.39
O21 TRT I . -10.54 1.61 22.41
C20 TRT I . -9.65 2.24 21.51
C19 TRT I . -8.24 1.71 21.75
O18 TRT I . -7.30 2.82 21.74
C17 TRT I . -7.18 3.47 23.00
C16 TRT I . -5.72 3.26 23.54
O15 TRT I . -4.89 2.93 22.39
C12 TRT I . -3.48 2.81 22.63
C13 TRT I . -2.94 2.92 23.94
C14 TRT I . -1.56 2.80 24.14
C11 TRT I . -2.63 2.57 21.55
C10 TRT I . -1.24 2.44 21.74
C9 TRT I . -0.71 2.55 23.04
C6 TRT I . 0.80 2.38 23.22
C8 TRT I . 1.47 3.64 22.63
C7 TRT I . 1.20 2.26 24.68
C5 TRT I . 1.27 1.11 22.41
C1 TRT I . 0.71 -0.35 22.72
C2 TRT I . 0.47 -1.06 21.38
C4 TRT I . -0.58 -0.50 23.55
C3 TRT I . 1.79 -1.12 23.46
C25 TRT J . -0.39 -25.94 3.65
O24 TRT J . -0.86 -24.69 3.23
C23 TRT J . -1.76 -24.84 2.14
C22 TRT J . -2.86 -23.84 2.27
O21 TRT J . -3.95 -24.41 3.05
C20 TRT J . -4.92 -23.42 3.37
C19 TRT J . -6.21 -24.09 3.82
O18 TRT J . -6.09 -24.79 5.08
C17 TRT J . -7.18 -25.67 5.30
C16 TRT J . -6.98 -26.42 6.64
O15 TRT J . -6.07 -27.55 6.51
C12 TRT J . -5.36 -27.63 7.75
C13 TRT J . -6.11 -27.71 8.95
C14 TRT J . -5.45 -27.75 10.18
C11 TRT J . -3.97 -27.57 7.78
C10 TRT J . -3.28 -27.62 9.02
C9 TRT J . -4.04 -27.71 10.23
C6 TRT J . -3.30 -27.74 11.57
C8 TRT J . -2.90 -29.19 11.95
C7 TRT J . -2.02 -26.92 11.40
C5 TRT J . -4.18 -26.92 12.62
C1 TRT J . -4.92 -27.54 13.89
C2 TRT J . -5.84 -28.74 13.56
C4 TRT J . -3.91 -27.85 15.01
C3 TRT J . -5.83 -26.46 14.44
C1 4W0 K . 6.41 2.13 3.30
C2 4W0 K . 5.72 1.51 2.24
C3 4W0 K . 5.19 0.24 2.45
C4 4W0 K . 5.30 -0.45 3.68
C5 4W0 K . 5.98 0.18 4.72
C6 4W0 K . 6.52 1.45 4.55
O1 4W0 K . 1.98 -5.18 -8.05
C7 4W0 K . 4.71 -1.84 3.87
C8 4W0 K . 4.01 -2.45 2.75
C9 4W0 K . 3.92 -1.70 1.48
C10 4W0 K . 3.17 -2.15 0.27
C11 4W0 K . 1.81 -2.34 0.49
C12 4W0 K . 1.01 -2.73 -0.56
C13 4W0 K . 1.57 -2.87 -1.79
C14 4W0 K . 2.92 -2.63 -2.03
C15 4W0 K . 3.73 -2.25 -0.98
O2 4W0 K . 4.82 -2.45 4.91
N 4W0 K . 4.47 -0.40 1.32
C16 4W0 K . 0.61 -3.24 -2.86
C17 4W0 K . 1.03 -3.76 -4.20
C18 4W0 K . 1.75 -4.93 -4.33
C19 4W0 K . 2.06 -5.40 -5.61
C20 4W0 K . 1.65 -4.71 -6.74
C21 4W0 K . 0.91 -3.55 -6.59
C22 4W0 K . 0.58 -3.07 -5.33
C23 4W0 K . 3.39 -3.83 2.94
F1 4W0 K . 6.10 -0.45 5.88
C24 4W0 K . 3.32 -5.27 -8.52
F2 4W0 K . 4.07 -4.44 -7.77
F3 4W0 K . 3.42 -4.90 -9.81
F4 4W0 K . 3.77 -6.56 -8.49
C1 4W0 L . -5.86 -3.76 2.70
C2 4W0 L . -5.34 -2.66 2.01
C3 4W0 L . -4.71 -1.63 2.75
C4 4W0 L . -4.57 -1.70 4.15
C5 4W0 L . -5.09 -2.81 4.81
C6 4W0 L . -5.72 -3.83 4.10
O1 4W0 L . -2.95 8.53 -3.76
C7 4W0 L . -3.89 -0.60 4.91
C8 4W0 L . -3.36 0.54 4.19
C9 4W0 L . -3.54 0.58 2.72
C10 4W0 L . -2.99 1.64 1.83
C11 4W0 L . -1.60 1.73 1.89
C12 4W0 L . -0.93 2.64 1.11
C13 4W0 L . -1.67 3.42 0.26
C14 4W0 L . -3.05 3.31 0.15
C15 4W0 L . -3.72 2.39 0.94
O2 4W0 L . -3.77 -0.63 6.12
N 4W0 L . -4.17 -0.49 2.01
C16 4W0 L . -0.83 4.35 -0.57
C17 4W0 L . -1.44 5.45 -1.37
C18 4W0 L . -2.15 6.48 -0.77
C19 4W0 L . -2.65 7.51 -1.56
C20 4W0 L . -2.44 7.50 -2.94
C21 4W0 L . -1.70 6.48 -3.51
C22 4W0 L . -1.20 5.45 -2.73
C23 4W0 L . -2.66 1.64 4.98
F1 4W0 L . -4.98 -2.89 6.13
C24 4W0 L . -4.35 8.66 -3.93
F2 4W0 L . -4.91 7.45 -3.95
F3 4W0 L . -4.66 9.34 -5.07
F4 4W0 L . -4.85 9.40 -2.92
C1 4W0 M . -11.86 -13.69 8.48
C2 4W0 M . -12.76 -12.63 8.66
C3 4W0 M . -13.25 -12.33 9.95
C4 4W0 M . -12.85 -13.10 11.06
C5 4W0 M . -11.95 -14.16 10.88
C6 4W0 M . -11.46 -14.46 9.60
O1 4W0 M . -24.08 -6.86 11.59
C7 4W0 M . -13.39 -12.78 12.43
C8 4W0 M . -14.32 -11.68 12.60
C9 4W0 M . -14.73 -10.88 11.43
C10 4W0 M . -15.72 -9.74 11.46
C11 4W0 M . -17.04 -9.96 11.85
C12 4W0 M . -17.97 -8.94 11.84
C13 4W0 M . -17.55 -7.69 11.41
C14 4W0 M . -16.28 -7.47 11.00
C15 4W0 M . -15.34 -8.48 11.01
O2 4W0 M . -13.04 -13.42 13.39
N 4W0 M . -14.20 -11.21 10.13
C16 4W0 M . -18.43 -6.48 11.34
C17 4W0 M . -19.93 -6.62 11.39
C18 4W0 M . -20.60 -7.45 10.48
C19 4W0 M . -21.99 -7.53 10.55
C20 4W0 M . -22.68 -6.77 11.51
C21 4W0 M . -22.01 -5.95 12.39
C22 4W0 M . -20.63 -5.87 12.32
C23 4W0 M . -14.84 -11.37 13.99
F1 4W0 M . -11.58 -14.89 11.93
C24 4W0 M . -24.59 -7.91 12.38
F2 4W0 M . -24.26 -9.06 11.81
F3 4W0 M . -25.93 -7.82 12.44
F4 4W0 M . -24.06 -7.81 13.61
PA FAD N . -1.38 21.02 3.73
O1A FAD N . -0.50 20.65 2.58
O2A FAD N . -1.10 20.31 5.02
O5B FAD N . -2.91 20.76 3.32
C5B FAD N . -3.44 21.34 2.16
C4B FAD N . -4.73 20.61 1.86
O4B FAD N . -5.48 21.32 0.88
C3B FAD N . -4.48 19.21 1.30
O3B FAD N . -5.40 18.33 1.91
C2B FAD N . -4.86 19.32 -0.16
O2B FAD N . -5.35 18.09 -0.68
C1B FAD N . -5.95 20.40 -0.06
N9A FAD N . -6.22 21.13 -1.30
C8A FAD N . -5.30 21.53 -2.24
N7A FAD N . -5.97 22.20 -3.20
C5A FAD N . -7.28 22.26 -2.89
C6A FAD N . -8.37 22.83 -3.53
N6A FAD N . -8.23 23.60 -4.61
N1A FAD N . -9.60 22.71 -2.94
C2A FAD N . -9.75 22.05 -1.74
N3A FAD N . -8.66 21.49 -1.11
C4A FAD N . -7.44 21.59 -1.68
N1 FAD N . 6.30 21.34 9.29
C2 FAD N . 6.72 21.36 10.60
O2 FAD N . 6.32 22.23 11.36
N3 FAD N . 7.59 20.39 11.07
C4 FAD N . 8.05 19.37 10.26
O4 FAD N . 8.82 18.52 10.73
C4X FAD N . 7.63 19.35 8.95
N5 FAD N . 8.06 18.33 8.10
C5X FAD N . 7.62 18.31 6.78
C6 FAD N . 8.05 17.31 5.94
C7 FAD N . 7.62 17.27 4.62
C7M FAD N . 8.11 16.16 3.72
C8 FAD N . 6.74 18.25 4.14
C8M FAD N . 6.29 18.21 2.71
C9 FAD N . 6.31 19.26 5.00
C9A FAD N . 6.74 19.30 6.31
N10 FAD N . 6.33 20.30 7.18
C10 FAD N . 6.76 20.32 8.47
C1' FAD N . 5.44 21.40 6.72
C2' FAD N . 3.96 21.13 6.80
O2' FAD N . 3.67 19.93 6.13
C3' FAD N . 3.24 22.28 6.10
O3' FAD N . 3.66 23.53 6.61
C4' FAD N . 1.76 22.05 6.32
O4' FAD N . 1.38 21.02 5.43
C5' FAD N . 0.92 23.31 6.07
O5' FAD N . -0.43 22.97 6.33
P FAD N . -1.58 23.41 5.29
O1P FAD N . -2.91 23.03 5.91
O2P FAD N . -1.42 24.87 4.98
O3P FAD N . -1.28 22.61 3.93
MG MG O . -2.96 26.64 3.58
MG MG P . -5.36 22.06 5.24
MG MG Q . -1.33 17.30 5.54
MG MG R . 0.95 22.44 1.37
C25 TRT S . -8.34 11.28 21.30
O24 TRT S . -7.20 12.10 21.41
C23 TRT S . -5.97 11.54 20.89
C22 TRT S . -5.05 12.67 20.53
O21 TRT S . -4.44 13.24 21.76
C20 TRT S . -3.81 14.50 21.56
C19 TRT S . -3.03 14.90 22.82
O18 TRT S . -2.08 13.85 23.17
C17 TRT S . -1.05 14.25 24.07
C16 TRT S . -0.65 13.02 24.96
O15 TRT S . -0.32 11.92 24.05
C12 TRT S . 0.30 10.76 24.64
C13 TRT S . 0.42 10.64 26.05
C14 TRT S . 1.03 9.51 26.59
C11 TRT S . 0.81 9.74 23.82
C10 TRT S . 1.41 8.61 24.37
C9 TRT S . 1.52 8.49 25.77
C6 TRT S . 2.21 7.27 26.38
C8 TRT S . 1.18 6.45 27.17
C7 TRT S . 2.78 6.39 25.27
C5 TRT S . 3.34 7.70 27.40
C1 TRT S . 4.59 8.60 26.99
C2 TRT S . 5.82 7.70 26.79
C4 TRT S . 4.47 9.50 25.75
C3 TRT S . 4.85 9.53 28.17
O21 TRT T . 12.50 -14.46 13.56
C20 TRT T . 13.18 -13.37 14.14
C19 TRT T . 12.70 -13.13 15.57
O18 TRT T . 11.29 -12.74 15.61
C17 TRT T . 10.41 -13.85 15.72
C16 TRT T . 9.25 -13.52 16.71
O15 TRT T . 8.40 -14.71 16.72
C12 TRT T . 7.02 -14.50 17.07
C13 TRT T . 6.24 -13.55 16.38
C14 TRT T . 4.90 -13.37 16.72
C11 TRT T . 6.48 -15.26 18.11
C10 TRT T . 5.13 -15.08 18.46
C9 TRT T . 4.34 -14.17 17.74
C6 TRT T . 2.90 -13.94 18.20
C8 TRT T . 1.97 -13.51 17.04
C7 TRT T . 2.32 -15.18 18.86
C5 TRT T . 3.31 -12.91 19.31
C1 TRT T . 2.79 -11.44 19.58
C2 TRT T . 2.45 -10.56 18.38
C4 TRT T . 1.60 -11.61 20.52
C3 TRT T . 3.94 -10.73 20.30
C25 TRT U . 2.28 19.60 16.21
O24 TRT U . 2.96 20.19 15.12
C23 TRT U . 3.65 19.24 14.30
C22 TRT U . 5.07 19.69 14.13
O21 TRT U . 6.02 18.62 14.47
C20 TRT U . 7.31 19.15 14.68
C19 TRT U . 8.15 18.34 15.66
O18 TRT U . 8.81 19.26 16.58
C17 TRT U . 8.52 18.91 17.93
C16 TRT U . 8.94 20.01 18.94
O15 TRT U . 7.69 20.46 19.55
C12 TRT U . 7.32 19.80 20.77
C13 TRT U . 6.67 18.53 20.72
C14 TRT U . 6.30 17.88 21.89
C11 TRT U . 7.57 20.40 22.01
C10 TRT U . 7.19 19.75 23.20
C9 TRT U . 6.56 18.48 23.15
C6 TRT U . 6.12 17.71 24.40
C8 TRT U . 6.04 18.62 25.65
C7 TRT U . 4.68 17.23 24.11
C5 TRT U . 7.00 16.39 24.57
C1 TRT U . 8.41 16.38 25.32
C2 TRT U . 9.23 17.68 25.22
C4 TRT U . 8.18 15.94 26.78
C3 TRT U . 9.27 15.30 24.69
C1 4W0 V . 13.70 7.77 12.47
C2 4W0 V . 14.54 6.79 11.93
C3 4W0 V . 15.22 5.89 12.77
C4 4W0 V . 15.05 5.96 14.16
C5 4W0 V . 14.20 6.94 14.70
C6 4W0 V . 13.52 7.85 13.87
O1 4W0 V . 26.02 1.00 9.90
C7 4W0 V . 15.79 4.97 15.06
C8 4W0 V . 16.68 3.98 14.48
C9 4W0 V . 16.82 3.92 13.00
C10 4W0 V . 17.74 2.98 12.25
C11 4W0 V . 19.11 3.07 12.46
C12 4W0 V . 19.99 2.27 11.75
C13 4W0 V . 19.49 1.41 10.79
C14 4W0 V . 18.14 1.35 10.55
C15 4W0 V . 17.26 2.14 11.27
O2 4W0 V . 15.66 5.02 16.26
N 4W0 V . 16.11 4.86 12.18
C16 4W0 V . 20.35 0.51 9.94
C17 4W0 V . 21.84 0.71 9.93
C18 4W0 V . 22.45 1.96 9.83
C19 4W0 V . 23.84 2.06 9.82
C20 4W0 V . 24.61 0.90 9.89
C21 4W0 V . 24.01 -0.36 9.98
C22 4W0 V . 22.63 -0.44 9.99
C23 4W0 V . 17.40 3.02 15.39
F1 4W0 V . 14.04 7.02 16.01
C24 4W0 V . 26.64 0.92 11.17
F2 4W0 V . 27.05 2.14 11.55
F3 4W0 V . 27.69 0.10 11.09
F4 4W0 V . 25.79 0.43 12.09
#